data_1XG5
#
_entry.id   1XG5
#
_cell.length_a   54.710
_cell.length_b   124.669
_cell.length_c   75.130
_cell.angle_alpha   90.00
_cell.angle_beta   97.23
_cell.angle_gamma   90.00
#
_symmetry.space_group_name_H-M   'P 1 21 1'
#
loop_
_entity.id
_entity.type
_entity.pdbx_description
1 polymer ARPG836
2 non-polymer 'NADP NICOTINAMIDE-ADENINE-DINUCLEOTIDE PHOSPHATE'
3 non-polymer 'ACETIC ACID'
4 water water
#
_entity_poly.entity_id   1
_entity_poly.type   'polypeptide(L)'
_entity_poly.pdbx_seq_one_letter_code
;GSSHHHHHHSSGRENLYFQGHMARPGMERWRDRLALVTGASGGIGAAVARALVQQGLKVVGCARTVGNIEELAAECKSAG
YPGTLIPYRCDLSNEEDILSMFSAIRSQHSGVDICINNAGLARPDTLLSGSTSGWKDMFNVNVLALSICTREAYQSMKER
NVDDGHIININSMSGHRVLPLSVTHFYSATKYAVTALTEGLRQELREAQTHIRATCISPGVVETQFAFKLHDKDPEKAAA
TYEQMKCLKPEDVAEAVIYVLSTPAHIQIGDIQMRPTGS
;
_entity_poly.pdbx_strand_id   A,B,C,D
#
# COMPACT_ATOMS: atom_id res chain seq x y z
N ALA A 23 31.42 -11.81 -18.90
CA ALA A 23 30.05 -11.67 -18.32
C ALA A 23 30.10 -11.42 -16.80
N ARG A 24 29.14 -10.66 -16.31
CA ARG A 24 28.97 -10.40 -14.88
C ARG A 24 28.75 -11.73 -14.14
N PRO A 25 29.34 -11.85 -12.93
CA PRO A 25 29.05 -13.03 -12.10
C PRO A 25 27.53 -13.19 -11.96
N GLY A 26 27.06 -14.43 -12.16
CA GLY A 26 25.64 -14.74 -12.12
C GLY A 26 24.99 -14.75 -13.50
N MET A 27 25.67 -14.16 -14.49
CA MET A 27 25.09 -14.08 -15.84
C MET A 27 25.52 -15.24 -16.75
N GLU A 28 26.49 -16.04 -16.30
CA GLU A 28 26.95 -17.18 -17.13
C GLU A 28 25.83 -18.14 -17.49
N ARG A 29 24.92 -18.38 -16.54
CA ARG A 29 23.88 -19.39 -16.72
C ARG A 29 22.86 -18.96 -17.78
N TRP A 30 22.94 -17.70 -18.18
CA TRP A 30 22.01 -17.17 -19.17
C TRP A 30 22.63 -17.15 -20.57
N ARG A 31 23.91 -17.52 -20.69
CA ARG A 31 24.60 -17.50 -21.98
C ARG A 31 23.80 -18.19 -23.08
N ASP A 32 23.60 -17.48 -24.19
CA ASP A 32 22.89 -18.02 -25.38
C ASP A 32 21.41 -18.34 -25.18
N ARG A 33 20.86 -17.97 -24.02
CA ARG A 33 19.42 -18.16 -23.80
C ARG A 33 18.71 -16.92 -24.33
N LEU A 34 17.42 -17.07 -24.64
CA LEU A 34 16.72 -16.04 -25.39
C LEU A 34 15.86 -15.17 -24.49
N ALA A 35 16.05 -13.85 -24.60
CA ALA A 35 15.19 -12.87 -23.94
C ALA A 35 14.42 -12.11 -24.96
N LEU A 36 13.12 -11.96 -24.72
CA LEU A 36 12.28 -11.01 -25.48
C LEU A 36 12.30 -9.67 -24.72
N VAL A 37 12.60 -8.60 -25.44
CA VAL A 37 12.48 -7.25 -24.87
C VAL A 37 11.49 -6.44 -25.70
N THR A 38 10.35 -6.12 -25.10
CA THR A 38 9.33 -5.37 -25.84
C THR A 38 9.67 -3.88 -25.77
N GLY A 39 9.30 -3.13 -26.80
CA GLY A 39 9.65 -1.70 -26.89
C GLY A 39 11.15 -1.48 -26.92
N ALA A 40 11.85 -2.14 -27.84
CA ALA A 40 13.34 -2.11 -27.87
C ALA A 40 13.85 -1.04 -28.80
N SER A 41 12.93 -0.25 -29.36
CA SER A 41 13.33 0.75 -30.36
C SER A 41 13.83 2.07 -29.79
N GLY A 42 13.75 2.25 -28.47
CA GLY A 42 14.35 3.42 -27.84
C GLY A 42 14.27 3.29 -26.34
N GLY A 43 14.74 4.32 -25.63
CA GLY A 43 14.46 4.39 -24.19
C GLY A 43 15.01 3.23 -23.39
N ILE A 44 14.24 2.84 -22.37
CA ILE A 44 14.66 1.81 -21.45
C ILE A 44 14.86 0.50 -22.20
N GLY A 45 13.88 0.19 -23.07
CA GLY A 45 13.92 -1.04 -23.85
C GLY A 45 15.20 -1.26 -24.66
N ALA A 46 15.65 -0.20 -25.35
CA ALA A 46 16.89 -0.24 -26.11
C ALA A 46 18.08 -0.51 -25.19
N ALA A 47 18.10 0.18 -24.04
CA ALA A 47 19.19 0.01 -23.07
C ALA A 47 19.22 -1.42 -22.49
N VAL A 48 18.05 -1.98 -22.17
CA VAL A 48 17.95 -3.35 -21.67
C VAL A 48 18.41 -4.33 -22.75
N ALA A 49 17.94 -4.14 -23.97
CA ALA A 49 18.37 -5.00 -25.09
C ALA A 49 19.88 -5.01 -25.25
N ARG A 50 20.49 -3.82 -25.31
CA ARG A 50 21.95 -3.70 -25.48
C ARG A 50 22.68 -4.38 -24.31
N ALA A 51 22.18 -4.18 -23.08
CA ALA A 51 22.84 -4.76 -21.90
C ALA A 51 22.80 -6.29 -21.94
N LEU A 52 21.68 -6.85 -22.39
CA LEU A 52 21.56 -8.31 -22.42
C LEU A 52 22.44 -8.93 -23.51
N VAL A 53 22.58 -8.21 -24.62
CA VAL A 53 23.45 -8.67 -25.71
C VAL A 53 24.93 -8.59 -25.26
N GLN A 54 25.27 -7.55 -24.51
CA GLN A 54 26.62 -7.43 -23.91
C GLN A 54 26.93 -8.61 -23.00
N GLN A 55 25.90 -9.12 -22.34
CA GLN A 55 26.04 -10.23 -21.39
C GLN A 55 25.91 -11.63 -22.02
N GLY A 56 25.85 -11.71 -23.35
CA GLY A 56 25.88 -13.02 -24.03
C GLY A 56 24.55 -13.71 -24.30
N LEU A 57 23.45 -13.00 -24.11
CA LEU A 57 22.11 -13.51 -24.45
C LEU A 57 21.76 -13.31 -25.92
N LYS A 58 20.84 -14.14 -26.43
CA LYS A 58 20.14 -13.88 -27.70
C LYS A 58 18.93 -13.04 -27.29
N VAL A 59 18.73 -11.90 -27.94
CA VAL A 59 17.65 -10.97 -27.56
C VAL A 59 16.79 -10.76 -28.79
N VAL A 60 15.49 -11.04 -28.66
CA VAL A 60 14.52 -10.60 -29.67
C VAL A 60 13.99 -9.24 -29.19
N GLY A 61 14.27 -8.19 -29.94
CA GLY A 61 13.87 -6.85 -29.57
C GLY A 61 12.74 -6.43 -30.48
N CYS A 62 11.57 -6.10 -29.92
CA CYS A 62 10.44 -5.78 -30.80
C CYS A 62 9.90 -4.39 -30.56
N ALA A 63 9.32 -3.80 -31.60
CA ALA A 63 8.64 -2.51 -31.49
C ALA A 63 8.00 -2.24 -32.84
N ARG A 64 7.31 -1.12 -32.97
CA ARG A 64 6.83 -0.74 -34.30
C ARG A 64 7.94 -0.17 -35.22
N THR A 65 8.87 0.57 -34.61
CA THR A 65 9.94 1.24 -35.35
C THR A 65 11.13 0.31 -35.43
N VAL A 66 11.03 -0.70 -36.31
CA VAL A 66 12.01 -1.79 -36.33
C VAL A 66 13.41 -1.33 -36.79
N GLY A 67 13.46 -0.21 -37.53
CA GLY A 67 14.72 0.32 -38.08
C GLY A 67 15.73 0.72 -37.02
N ASN A 68 15.24 1.29 -35.92
CA ASN A 68 16.07 1.61 -34.74
C ASN A 68 16.69 0.37 -34.09
N ILE A 69 15.89 -0.71 -33.99
CA ILE A 69 16.33 -1.94 -33.36
C ILE A 69 17.38 -2.59 -34.27
N GLU A 70 17.15 -2.48 -35.57
CA GLU A 70 18.15 -2.97 -36.50
C GLU A 70 19.43 -2.20 -36.26
N GLU A 71 19.30 -0.90 -36.00
CA GLU A 71 20.46 -0.03 -35.86
C GLU A 71 21.23 -0.40 -34.61
N LEU A 72 20.50 -0.65 -33.52
CA LEU A 72 21.13 -1.08 -32.29
C LEU A 72 21.93 -2.42 -32.56
N ALA A 73 21.37 -3.38 -33.43
CA ALA A 73 22.08 -4.65 -33.87
C ALA A 73 23.42 -4.49 -34.60
N ALA A 74 23.50 -3.51 -35.53
CA ALA A 74 24.75 -3.26 -36.25
C ALA A 74 25.79 -2.70 -35.25
N GLU A 75 25.33 -1.88 -34.27
CA GLU A 75 26.24 -1.28 -33.25
C GLU A 75 26.74 -2.36 -32.30
N CYS A 76 25.78 -3.20 -31.82
CA CYS A 76 26.09 -4.33 -30.92
C CYS A 76 27.11 -5.25 -31.58
N LYS A 77 26.85 -5.53 -32.86
CA LYS A 77 27.70 -6.36 -33.69
C LYS A 77 29.09 -5.72 -33.98
N SER A 78 29.09 -4.41 -34.31
CA SER A 78 30.34 -3.62 -34.56
C SER A 78 31.29 -3.61 -33.36
N ALA A 79 30.69 -3.57 -32.17
CA ALA A 79 31.41 -3.51 -30.91
C ALA A 79 31.96 -4.87 -30.52
N GLY A 80 31.62 -5.86 -31.32
CA GLY A 80 32.07 -7.27 -31.08
C GLY A 80 31.48 -7.92 -29.81
N TYR A 81 30.24 -7.61 -29.44
CA TYR A 81 29.57 -8.22 -28.25
C TYR A 81 29.35 -9.73 -28.47
N PRO A 82 29.25 -10.51 -27.35
CA PRO A 82 29.07 -11.97 -27.45
C PRO A 82 27.64 -12.40 -27.78
N GLY A 83 26.64 -11.60 -27.39
CA GLY A 83 25.24 -11.94 -27.69
C GLY A 83 24.82 -11.52 -29.10
N THR A 84 23.55 -11.69 -29.40
CA THR A 84 22.99 -11.30 -30.69
C THR A 84 21.64 -10.62 -30.46
N LEU A 85 21.43 -9.52 -31.17
CA LEU A 85 20.16 -8.85 -31.23
C LEU A 85 19.43 -9.18 -32.53
N ILE A 86 18.22 -9.67 -32.37
CA ILE A 86 17.37 -10.08 -33.49
C ILE A 86 16.24 -9.05 -33.58
N PRO A 87 16.30 -8.13 -34.60
CA PRO A 87 15.10 -7.21 -34.58
C PRO A 87 13.77 -7.89 -35.00
N TYR A 88 12.64 -7.44 -34.41
CA TYR A 88 11.31 -7.96 -34.79
C TYR A 88 10.27 -6.84 -34.82
N ARG A 89 9.58 -6.68 -35.94
CA ARG A 89 8.50 -5.69 -36.04
C ARG A 89 7.22 -6.25 -35.40
N CYS A 90 6.72 -5.58 -34.36
CA CYS A 90 5.47 -6.02 -33.71
C CYS A 90 4.74 -4.84 -33.08
N ASP A 91 3.49 -4.67 -33.49
CA ASP A 91 2.58 -3.71 -32.85
C ASP A 91 1.84 -4.42 -31.72
N LEU A 92 2.21 -4.09 -30.49
CA LEU A 92 1.70 -4.74 -29.30
C LEU A 92 0.24 -4.46 -29.03
N SER A 93 -0.33 -3.50 -29.76
CA SER A 93 -1.74 -3.19 -29.59
C SER A 93 -2.57 -4.20 -30.40
N ASN A 94 -1.91 -5.09 -31.15
CA ASN A 94 -2.63 -6.08 -31.94
C ASN A 94 -2.24 -7.49 -31.48
N GLU A 95 -3.18 -8.22 -30.87
CA GLU A 95 -2.86 -9.55 -30.31
C GLU A 95 -2.37 -10.54 -31.36
N GLU A 96 -3.01 -10.56 -32.53
CA GLU A 96 -2.56 -11.44 -33.60
C GLU A 96 -1.10 -11.19 -33.98
N ASP A 97 -0.69 -9.92 -33.98
CA ASP A 97 0.72 -9.57 -34.25
C ASP A 97 1.65 -10.19 -33.20
N ILE A 98 1.25 -10.09 -31.93
CA ILE A 98 2.02 -10.68 -30.83
C ILE A 98 2.06 -12.20 -30.95
N LEU A 99 0.92 -12.82 -31.30
CA LEU A 99 0.90 -14.29 -31.41
C LEU A 99 1.82 -14.78 -32.53
N SER A 100 1.83 -14.06 -33.64
CA SER A 100 2.70 -14.33 -34.79
C SER A 100 4.15 -14.22 -34.39
N MET A 101 4.46 -13.20 -33.57
CA MET A 101 5.83 -13.01 -33.11
C MET A 101 6.32 -14.21 -32.28
N PHE A 102 5.51 -14.64 -31.30
CA PHE A 102 5.87 -15.81 -30.48
C PHE A 102 5.97 -17.08 -31.29
N SER A 103 5.12 -17.15 -32.30
CA SER A 103 5.19 -18.27 -33.22
CA SER A 103 5.20 -18.28 -33.22
C SER A 103 6.54 -18.29 -33.96
N ALA A 104 6.99 -17.11 -34.40
CA ALA A 104 8.28 -17.06 -35.13
C ALA A 104 9.44 -17.32 -34.18
N ILE A 105 9.33 -16.81 -32.96
CA ILE A 105 10.35 -17.12 -31.95
C ILE A 105 10.44 -18.60 -31.67
N ARG A 106 9.29 -19.27 -31.52
CA ARG A 106 9.29 -20.69 -31.22
C ARG A 106 9.81 -21.53 -32.40
N SER A 107 9.37 -21.20 -33.62
CA SER A 107 9.74 -22.02 -34.78
C SER A 107 11.14 -21.73 -35.32
N GLN A 108 11.69 -20.56 -35.00
CA GLN A 108 13.00 -20.12 -35.50
C GLN A 108 14.08 -20.07 -34.46
N HIS A 109 13.71 -19.86 -33.20
CA HIS A 109 14.69 -19.64 -32.14
C HIS A 109 14.43 -20.54 -30.92
N SER A 110 13.55 -21.53 -31.10
CA SER A 110 13.13 -22.51 -30.07
C SER A 110 12.09 -21.98 -29.06
N GLY A 111 12.36 -20.82 -28.49
CA GLY A 111 11.50 -20.33 -27.43
C GLY A 111 12.11 -19.18 -26.66
N VAL A 112 11.35 -18.74 -25.66
CA VAL A 112 11.67 -17.55 -24.90
C VAL A 112 11.91 -17.98 -23.44
N ASP A 113 13.07 -17.63 -22.88
CA ASP A 113 13.39 -17.93 -21.48
C ASP A 113 13.27 -16.75 -20.54
N ILE A 114 13.39 -15.52 -21.09
CA ILE A 114 13.28 -14.28 -20.31
C ILE A 114 12.33 -13.37 -21.09
N CYS A 115 11.34 -12.82 -20.39
CA CYS A 115 10.43 -11.87 -21.02
C CYS A 115 10.49 -10.56 -20.27
N ILE A 116 10.96 -9.51 -20.94
CA ILE A 116 10.98 -8.16 -20.36
C ILE A 116 9.83 -7.34 -20.97
N ASN A 117 8.77 -7.14 -20.17
CA ASN A 117 7.59 -6.38 -20.58
C ASN A 117 7.88 -4.92 -20.32
N ASN A 118 8.49 -4.29 -21.31
CA ASN A 118 8.94 -2.92 -21.20
C ASN A 118 8.04 -1.89 -21.91
N ALA A 119 7.50 -2.24 -23.09
CA ALA A 119 6.74 -1.27 -23.88
C ALA A 119 5.63 -0.70 -22.99
N GLY A 120 5.47 0.62 -23.05
CA GLY A 120 4.43 1.31 -22.27
C GLY A 120 4.38 2.74 -22.71
N LEU A 121 3.28 3.41 -22.37
CA LEU A 121 3.08 4.82 -22.75
C LEU A 121 2.07 5.47 -21.82
N ALA A 122 2.10 6.81 -21.82
CA ALA A 122 1.05 7.60 -21.14
C ALA A 122 0.49 8.58 -22.15
N ARG A 123 -0.83 8.68 -22.21
CA ARG A 123 -1.51 9.69 -23.00
C ARG A 123 -2.17 10.63 -22.00
N PRO A 124 -2.22 11.94 -22.29
CA PRO A 124 -2.66 12.96 -21.32
C PRO A 124 -4.18 13.07 -21.21
N ASP A 125 -4.80 11.94 -20.87
CA ASP A 125 -6.26 11.86 -20.79
C ASP A 125 -6.68 11.81 -19.34
N THR A 126 -7.06 12.99 -18.84
CA THR A 126 -7.38 13.08 -17.40
C THR A 126 -8.65 12.28 -17.06
N LEU A 127 -8.90 12.05 -15.76
CA LEU A 127 -10.10 11.34 -15.37
C LEU A 127 -11.32 12.20 -15.60
N LEU A 128 -11.20 13.53 -15.50
CA LEU A 128 -12.40 14.38 -15.61
C LEU A 128 -12.79 14.74 -17.04
N SER A 129 -11.85 14.66 -17.98
CA SER A 129 -12.16 15.12 -19.33
C SER A 129 -11.40 14.31 -20.42
N GLY A 130 -10.73 13.22 -20.03
CA GLY A 130 -9.89 12.46 -20.99
C GLY A 130 -10.67 11.72 -22.07
N SER A 131 -10.00 11.41 -23.19
CA SER A 131 -10.61 10.59 -24.25
C SER A 131 -10.56 9.10 -23.90
N THR A 132 -11.65 8.41 -24.20
CA THR A 132 -11.69 6.98 -23.99
C THR A 132 -10.62 6.33 -24.86
N SER A 133 -10.37 6.85 -26.06
CA SER A 133 -9.38 6.20 -26.95
C SER A 133 -8.00 6.16 -26.28
N GLY A 134 -7.66 7.25 -25.61
CA GLY A 134 -6.38 7.31 -24.86
C GLY A 134 -6.27 6.34 -23.70
N TRP A 135 -7.36 6.22 -22.91
CA TRP A 135 -7.42 5.24 -21.85
C TRP A 135 -7.24 3.83 -22.42
N LYS A 136 -7.94 3.54 -23.53
CA LYS A 136 -7.87 2.19 -24.11
C LYS A 136 -6.45 1.90 -24.58
N ASP A 137 -5.83 2.89 -25.21
CA ASP A 137 -4.45 2.74 -25.73
C ASP A 137 -3.45 2.43 -24.60
N MET A 138 -3.56 3.16 -23.49
CA MET A 138 -2.69 2.85 -22.36
C MET A 138 -2.95 1.45 -21.83
N PHE A 139 -4.23 1.07 -21.65
CA PHE A 139 -4.53 -0.28 -21.23
C PHE A 139 -3.95 -1.32 -22.20
N ASN A 140 -4.18 -1.12 -23.50
CA ASN A 140 -3.80 -2.10 -24.53
C ASN A 140 -2.33 -2.47 -24.51
N VAL A 141 -1.45 -1.49 -24.29
CA VAL A 141 -0.01 -1.76 -24.24
C VAL A 141 0.47 -2.06 -22.82
N ASN A 142 0.08 -1.22 -21.85
CA ASN A 142 0.69 -1.31 -20.52
C ASN A 142 0.21 -2.53 -19.76
N VAL A 143 -1.00 -2.99 -20.08
CA VAL A 143 -1.62 -4.06 -19.29
C VAL A 143 -1.95 -5.28 -20.15
N LEU A 144 -2.72 -5.09 -21.22
CA LEU A 144 -3.12 -6.21 -22.05
C LEU A 144 -1.93 -6.88 -22.75
N ALA A 145 -1.15 -6.10 -23.47
CA ALA A 145 0.05 -6.65 -24.20
C ALA A 145 1.04 -7.29 -23.20
N LEU A 146 1.19 -6.64 -22.04
CA LEU A 146 2.07 -7.15 -20.99
C LEU A 146 1.57 -8.55 -20.53
N SER A 147 0.26 -8.67 -20.41
CA SER A 147 -0.36 -9.93 -19.97
C SER A 147 -0.33 -11.00 -21.08
N ILE A 148 -0.50 -10.59 -22.33
CA ILE A 148 -0.46 -11.54 -23.45
C ILE A 148 0.97 -12.09 -23.57
N CYS A 149 1.96 -11.19 -23.57
CA CYS A 149 3.37 -11.63 -23.63
C CYS A 149 3.76 -12.54 -22.45
N THR A 150 3.31 -12.20 -21.23
CA THR A 150 3.54 -13.05 -20.05
C THR A 150 3.00 -14.47 -20.28
N ARG A 151 1.76 -14.53 -20.75
CA ARG A 151 1.09 -15.81 -20.96
C ARG A 151 1.87 -16.60 -21.99
N GLU A 152 2.19 -15.97 -23.13
CA GLU A 152 2.84 -16.74 -24.22
C GLU A 152 4.28 -17.15 -23.83
N ALA A 153 4.99 -16.29 -23.10
CA ALA A 153 6.35 -16.62 -22.67
C ALA A 153 6.30 -17.81 -21.71
N TYR A 154 5.41 -17.74 -20.72
CA TYR A 154 5.21 -18.88 -19.82
C TYR A 154 4.91 -20.16 -20.60
N GLN A 155 3.97 -20.11 -21.55
CA GLN A 155 3.63 -21.30 -22.32
C GLN A 155 4.82 -21.88 -23.10
N SER A 156 5.67 -20.99 -23.64
CA SER A 156 6.91 -21.40 -24.27
C SER A 156 7.81 -22.14 -23.27
N MET A 157 7.98 -21.57 -22.07
CA MET A 157 8.79 -22.25 -21.06
C MET A 157 8.21 -23.60 -20.67
N LYS A 158 6.90 -23.66 -20.50
CA LYS A 158 6.22 -24.91 -20.11
C LYS A 158 6.46 -26.02 -21.11
N GLU A 159 6.31 -25.70 -22.39
CA GLU A 159 6.40 -26.74 -23.43
C GLU A 159 7.84 -27.27 -23.60
N ARG A 160 8.82 -26.47 -23.17
CA ARG A 160 10.23 -26.86 -23.25
C ARG A 160 10.79 -27.36 -21.89
N ASN A 161 9.89 -27.53 -20.91
CA ASN A 161 10.27 -27.93 -19.54
C ASN A 161 11.32 -27.01 -18.95
N VAL A 162 11.19 -25.73 -19.25
CA VAL A 162 12.04 -24.70 -18.65
C VAL A 162 11.46 -24.35 -17.26
N ASP A 163 12.27 -24.59 -16.23
CA ASP A 163 11.82 -24.43 -14.86
C ASP A 163 12.39 -23.19 -14.19
N ASP A 164 13.20 -22.41 -14.92
CA ASP A 164 13.99 -21.36 -14.30
C ASP A 164 14.00 -20.05 -15.10
N GLY A 165 12.96 -19.86 -15.93
CA GLY A 165 12.87 -18.64 -16.72
C GLY A 165 12.57 -17.42 -15.86
N HIS A 166 12.45 -16.23 -16.47
CA HIS A 166 12.25 -15.01 -15.68
C HIS A 166 11.42 -14.04 -16.47
N ILE A 167 10.35 -13.56 -15.83
CA ILE A 167 9.50 -12.50 -16.40
C ILE A 167 9.70 -11.26 -15.59
N ILE A 168 10.07 -10.17 -16.29
CA ILE A 168 10.36 -8.88 -15.61
C ILE A 168 9.46 -7.81 -16.25
N ASN A 169 8.60 -7.26 -15.40
CA ASN A 169 7.69 -6.19 -15.80
C ASN A 169 8.29 -4.85 -15.46
N ILE A 170 8.35 -3.98 -16.47
CA ILE A 170 8.74 -2.61 -16.17
C ILE A 170 7.50 -1.84 -15.64
N ASN A 171 7.53 -1.61 -14.33
CA ASN A 171 6.49 -0.88 -13.59
C ASN A 171 6.85 0.60 -13.54
N SER A 172 6.54 1.27 -12.44
CA SER A 172 6.88 2.67 -12.24
C SER A 172 6.59 2.97 -10.76
N MET A 173 7.23 4.02 -10.26
CA MET A 173 6.85 4.50 -8.92
C MET A 173 5.32 4.81 -8.96
N SER A 174 4.80 5.13 -10.16
CA SER A 174 3.37 5.44 -10.31
C SER A 174 2.48 4.24 -10.21
N GLY A 175 3.09 3.06 -10.10
CA GLY A 175 2.36 1.83 -9.80
C GLY A 175 2.19 1.61 -8.31
N HIS A 176 2.71 2.52 -7.49
CA HIS A 176 2.67 2.42 -6.01
C HIS A 176 2.14 3.64 -5.28
N ARG A 177 2.04 4.76 -5.97
CA ARG A 177 1.42 5.97 -5.40
C ARG A 177 0.85 6.76 -6.55
N VAL A 178 -0.21 7.51 -6.28
CA VAL A 178 -0.85 8.32 -7.30
C VAL A 178 -0.42 9.78 -7.12
N LEU A 179 0.39 10.24 -8.07
CA LEU A 179 0.89 11.63 -8.01
C LEU A 179 -0.18 12.59 -8.53
N PRO A 180 -0.24 13.78 -7.96
CA PRO A 180 -1.28 14.76 -8.35
C PRO A 180 -1.00 15.47 -9.67
N LEU A 181 -0.83 14.67 -10.72
CA LEU A 181 -0.62 15.19 -12.07
C LEU A 181 -1.75 14.58 -12.88
N SER A 182 -2.71 15.40 -13.26
CA SER A 182 -3.96 14.86 -13.81
C SER A 182 -3.72 14.04 -15.10
N VAL A 183 -2.78 14.55 -15.95
CA VAL A 183 -2.47 13.86 -17.20
C VAL A 183 -1.83 12.48 -17.07
N THR A 184 -1.43 12.09 -15.86
CA THR A 184 -0.89 10.73 -15.67
C THR A 184 -1.72 9.90 -14.70
N HIS A 185 -2.91 10.38 -14.29
CA HIS A 185 -3.75 9.53 -13.40
C HIS A 185 -4.13 8.18 -14.00
N PHE A 186 -4.59 8.18 -15.25
CA PHE A 186 -5.02 6.88 -15.84
C PHE A 186 -3.81 5.95 -16.02
N TYR A 187 -2.72 6.53 -16.53
CA TYR A 187 -1.45 5.83 -16.62
C TYR A 187 -1.09 5.17 -15.27
N SER A 188 -1.18 5.93 -14.18
CA SER A 188 -0.89 5.41 -12.85
CA SER A 188 -0.88 5.39 -12.85
C SER A 188 -1.77 4.20 -12.54
N ALA A 189 -3.05 4.31 -12.88
CA ALA A 189 -3.97 3.18 -12.65
C ALA A 189 -3.52 1.96 -13.42
N THR A 190 -3.02 2.13 -14.66
CA THR A 190 -2.52 0.93 -15.38
C THR A 190 -1.28 0.35 -14.70
N LYS A 191 -0.44 1.20 -14.11
CA LYS A 191 0.75 0.69 -13.37
C LYS A 191 0.37 0.01 -12.03
N TYR A 192 -0.68 0.50 -11.37
CA TYR A 192 -1.21 -0.24 -10.21
C TYR A 192 -1.65 -1.66 -10.66
N ALA A 193 -2.26 -1.75 -11.84
CA ALA A 193 -2.67 -3.07 -12.36
C ALA A 193 -1.41 -3.93 -12.55
N VAL A 194 -0.35 -3.36 -13.11
CA VAL A 194 0.95 -4.08 -13.23
C VAL A 194 1.47 -4.57 -11.86
N THR A 195 1.40 -3.72 -10.82
CA THR A 195 1.81 -4.16 -9.50
C THR A 195 1.09 -5.43 -9.09
N ALA A 196 -0.24 -5.42 -9.29
CA ALA A 196 -1.06 -6.57 -8.86
C ALA A 196 -0.79 -7.78 -9.76
N LEU A 197 -0.65 -7.56 -11.06
CA LEU A 197 -0.42 -8.70 -11.97
C LEU A 197 0.89 -9.39 -11.68
N THR A 198 1.92 -8.62 -11.35
CA THR A 198 3.23 -9.25 -11.10
C THR A 198 3.20 -10.12 -9.84
N GLU A 199 2.53 -9.65 -8.81
CA GLU A 199 2.31 -10.49 -7.61
C GLU A 199 1.45 -11.73 -7.93
N GLY A 200 0.35 -11.54 -8.67
CA GLY A 200 -0.50 -12.65 -9.13
C GLY A 200 0.32 -13.66 -9.92
N LEU A 201 1.19 -13.17 -10.80
CA LEU A 201 2.06 -14.03 -11.59
C LEU A 201 2.94 -14.89 -10.71
N ARG A 202 3.60 -14.27 -9.72
CA ARG A 202 4.44 -15.04 -8.79
C ARG A 202 3.60 -16.19 -8.16
N GLN A 203 2.41 -15.85 -7.70
CA GLN A 203 1.56 -16.83 -7.05
C GLN A 203 1.21 -18.00 -7.99
N GLU A 204 0.94 -17.68 -9.26
CA GLU A 204 0.59 -18.71 -10.25
C GLU A 204 1.77 -19.59 -10.59
N LEU A 205 2.95 -18.99 -10.62
CA LEU A 205 4.17 -19.76 -10.92
C LEU A 205 4.53 -20.73 -9.79
N ARG A 206 4.15 -20.35 -8.58
CA ARG A 206 4.36 -21.18 -7.40
C ARG A 206 3.31 -22.29 -7.41
N GLU A 207 2.08 -21.96 -7.78
CA GLU A 207 1.00 -22.97 -7.87
C GLU A 207 1.33 -24.02 -8.93
N ALA A 208 1.94 -23.56 -10.02
CA ALA A 208 2.41 -24.43 -11.11
C ALA A 208 3.61 -25.28 -10.75
N GLN A 209 4.11 -25.11 -9.53
CA GLN A 209 5.29 -25.85 -9.02
C GLN A 209 6.52 -25.63 -9.91
N THR A 210 6.78 -24.37 -10.28
CA THR A 210 7.95 -24.04 -11.09
C THR A 210 8.88 -23.18 -10.27
N HIS A 211 10.09 -22.98 -10.79
CA HIS A 211 11.00 -22.01 -10.22
C HIS A 211 11.17 -20.84 -11.18
N ILE A 212 10.16 -20.63 -12.02
CA ILE A 212 10.18 -19.45 -12.90
C ILE A 212 9.97 -18.22 -12.04
N ARG A 213 10.76 -17.19 -12.32
CA ARG A 213 10.74 -15.97 -11.50
C ARG A 213 9.95 -14.79 -12.11
N ALA A 214 9.37 -13.98 -11.25
CA ALA A 214 8.57 -12.84 -11.68
C ALA A 214 8.95 -11.63 -10.85
N THR A 215 9.30 -10.54 -11.52
CA THR A 215 9.84 -9.38 -10.84
C THR A 215 9.28 -8.10 -11.49
N CYS A 216 9.05 -7.06 -10.71
CA CYS A 216 8.94 -5.78 -11.41
CA CYS A 216 8.87 -5.69 -11.23
C CYS A 216 10.09 -4.84 -11.01
N ILE A 217 10.34 -3.91 -11.93
CA ILE A 217 11.28 -2.84 -11.64
C ILE A 217 10.44 -1.55 -11.73
N SER A 218 10.51 -0.73 -10.71
CA SER A 218 9.61 0.43 -10.54
C SER A 218 10.41 1.72 -10.48
N PRO A 219 10.78 2.28 -11.67
CA PRO A 219 11.52 3.57 -11.66
C PRO A 219 10.66 4.82 -11.47
N GLY A 220 11.29 5.85 -10.91
CA GLY A 220 10.83 7.24 -11.01
C GLY A 220 11.21 7.75 -12.38
N VAL A 221 11.31 9.07 -12.50
CA VAL A 221 11.55 9.72 -13.82
C VAL A 221 12.82 9.22 -14.50
N VAL A 222 12.64 8.75 -15.74
CA VAL A 222 13.79 8.31 -16.58
C VAL A 222 13.81 9.15 -17.86
N GLU A 223 14.99 9.64 -18.21
CA GLU A 223 15.12 10.50 -19.39
C GLU A 223 15.06 9.67 -20.68
N THR A 224 13.87 9.59 -21.28
CA THR A 224 13.63 8.83 -22.51
C THR A 224 12.77 9.70 -23.45
N GLN A 225 12.01 9.08 -24.34
CA GLN A 225 11.08 9.86 -25.16
C GLN A 225 9.71 9.90 -24.50
N PHE A 226 9.55 9.19 -23.37
CA PHE A 226 8.26 9.03 -22.73
C PHE A 226 7.52 10.37 -22.52
N ALA A 227 8.19 11.37 -21.96
CA ALA A 227 7.50 12.62 -21.64
C ALA A 227 7.19 13.42 -22.90
N PHE A 228 8.05 13.31 -23.92
CA PHE A 228 7.83 14.01 -25.19
C PHE A 228 6.58 13.51 -25.88
N LYS A 229 6.29 12.22 -25.69
CA LYS A 229 5.07 11.62 -26.25
C LYS A 229 3.86 12.02 -25.45
N LEU A 230 3.95 11.88 -24.12
CA LEU A 230 2.86 12.31 -23.25
C LEU A 230 2.50 13.78 -23.52
N HIS A 231 3.51 14.65 -23.60
CA HIS A 231 3.27 16.07 -23.83
C HIS A 231 3.46 16.43 -25.30
N ASP A 232 2.91 15.60 -26.19
CA ASP A 232 3.07 15.77 -27.64
C ASP A 232 2.57 17.14 -28.11
N LYS A 233 1.59 17.70 -27.38
CA LYS A 233 1.06 19.05 -27.68
C LYS A 233 1.78 20.17 -26.91
N ASP A 234 2.74 19.82 -26.07
CA ASP A 234 3.52 20.80 -25.29
C ASP A 234 4.95 20.31 -25.02
N PRO A 235 5.82 20.28 -26.08
CA PRO A 235 7.19 19.75 -25.92
C PRO A 235 8.07 20.52 -24.91
N GLU A 236 7.71 21.77 -24.61
CA GLU A 236 8.38 22.55 -23.57
C GLU A 236 8.20 21.94 -22.17
N LYS A 237 7.00 21.43 -21.90
CA LYS A 237 6.70 20.71 -20.64
C LYS A 237 7.47 19.40 -20.55
N ALA A 238 7.66 18.76 -21.70
CA ALA A 238 8.41 17.51 -21.80
C ALA A 238 9.88 17.76 -21.49
N ALA A 239 10.43 18.83 -22.06
CA ALA A 239 11.82 19.27 -21.80
C ALA A 239 12.07 19.68 -20.33
N ALA A 240 11.08 20.32 -19.71
CA ALA A 240 11.15 20.69 -18.29
C ALA A 240 11.28 19.47 -17.36
N THR A 241 10.57 18.38 -17.71
CA THR A 241 10.65 17.10 -17.01
C THR A 241 12.10 16.65 -16.82
N TYR A 242 12.93 16.90 -17.83
CA TYR A 242 14.27 16.34 -17.87
C TYR A 242 15.38 17.38 -17.64
N GLU A 243 15.15 18.63 -18.08
CA GLU A 243 16.10 19.72 -17.88
C GLU A 243 15.68 20.57 -16.69
N CYS A 247 17.41 13.13 -13.30
CA CYS A 247 16.64 11.96 -13.72
C CYS A 247 17.53 10.73 -13.84
N LEU A 248 16.88 9.57 -13.79
CA LEU A 248 17.51 8.31 -14.12
C LEU A 248 17.73 8.25 -15.62
N LYS A 249 18.70 7.44 -16.01
CA LYS A 249 19.03 7.19 -17.42
C LYS A 249 18.55 5.78 -17.73
N PRO A 250 18.23 5.52 -19.01
CA PRO A 250 17.75 4.16 -19.38
C PRO A 250 18.76 3.05 -18.98
N GLU A 251 20.06 3.36 -19.06
CA GLU A 251 21.13 2.42 -18.65
C GLU A 251 21.01 2.00 -17.19
N ASP A 252 20.48 2.91 -16.37
CA ASP A 252 20.25 2.66 -14.92
C ASP A 252 19.25 1.57 -14.69
N VAL A 253 18.18 1.58 -15.48
CA VAL A 253 17.14 0.58 -15.41
C VAL A 253 17.67 -0.75 -15.99
N ALA A 254 18.46 -0.66 -17.05
CA ALA A 254 19.10 -1.85 -17.57
C ALA A 254 20.02 -2.53 -16.55
N GLU A 255 20.72 -1.72 -15.75
CA GLU A 255 21.60 -2.27 -14.72
C GLU A 255 20.78 -2.99 -13.64
N ALA A 256 19.59 -2.47 -13.33
CA ALA A 256 18.69 -3.16 -12.38
C ALA A 256 18.21 -4.51 -12.97
N VAL A 257 17.94 -4.54 -14.27
CA VAL A 257 17.55 -5.80 -14.94
C VAL A 257 18.71 -6.82 -14.84
N ILE A 258 19.94 -6.36 -15.07
CA ILE A 258 21.11 -7.23 -14.94
C ILE A 258 21.27 -7.75 -13.51
N TYR A 259 21.10 -6.87 -12.52
CA TYR A 259 21.20 -7.33 -11.15
C TYR A 259 20.15 -8.43 -10.93
N VAL A 260 18.91 -8.16 -11.32
CA VAL A 260 17.82 -9.15 -11.12
C VAL A 260 18.14 -10.52 -11.77
N LEU A 261 18.55 -10.50 -13.03
CA LEU A 261 18.85 -11.75 -13.69
C LEU A 261 20.04 -12.45 -13.06
N SER A 262 21.02 -11.66 -12.57
CA SER A 262 22.27 -12.20 -12.02
C SER A 262 22.09 -12.89 -10.66
N THR A 263 20.94 -12.68 -10.02
CA THR A 263 20.75 -13.25 -8.70
C THR A 263 20.62 -14.76 -8.81
N PRO A 264 21.21 -15.49 -7.87
CA PRO A 264 20.99 -16.93 -7.77
C PRO A 264 19.53 -17.36 -8.00
N ALA A 265 19.37 -18.57 -8.57
CA ALA A 265 18.05 -19.08 -8.92
C ALA A 265 17.06 -19.13 -7.77
N HIS A 266 17.56 -19.31 -6.54
CA HIS A 266 16.67 -19.44 -5.36
C HIS A 266 16.21 -18.07 -4.85
N ILE A 267 16.66 -16.97 -5.46
CA ILE A 267 16.20 -15.63 -5.03
C ILE A 267 15.19 -15.10 -6.02
N GLN A 268 14.06 -14.61 -5.52
CA GLN A 268 13.10 -13.99 -6.39
C GLN A 268 12.97 -12.52 -5.94
N ILE A 269 13.61 -11.62 -6.69
CA ILE A 269 13.42 -10.22 -6.43
C ILE A 269 11.95 -9.90 -6.80
N GLY A 270 11.19 -9.33 -5.88
CA GLY A 270 9.81 -9.01 -6.18
C GLY A 270 9.66 -7.64 -6.83
N ASP A 271 10.45 -6.69 -6.34
CA ASP A 271 10.38 -5.30 -6.84
C ASP A 271 11.63 -4.57 -6.47
N ILE A 272 12.07 -3.72 -7.38
CA ILE A 272 13.14 -2.74 -7.08
C ILE A 272 12.53 -1.39 -7.36
N GLN A 273 12.34 -0.60 -6.31
CA GLN A 273 11.85 0.78 -6.46
C GLN A 273 13.07 1.69 -6.52
N MET A 274 13.12 2.56 -7.55
CA MET A 274 14.33 3.38 -7.71
C MET A 274 13.93 4.78 -8.17
N ARG A 275 14.58 5.82 -7.67
CA ARG A 275 14.26 7.18 -8.08
C ARG A 275 15.57 7.93 -8.29
N PRO A 276 15.51 9.07 -9.01
CA PRO A 276 16.72 9.90 -9.04
C PRO A 276 17.03 10.43 -7.64
N THR A 277 18.31 10.50 -7.28
CA THR A 277 18.71 11.02 -5.98
C THR A 277 18.26 12.47 -5.82
N GLY A 278 17.66 12.79 -4.68
CA GLY A 278 17.18 14.14 -4.41
C GLY A 278 15.87 14.54 -5.09
N SER A 279 15.23 13.58 -5.77
CA SER A 279 13.96 13.84 -6.43
C SER A 279 12.79 13.72 -5.46
N ALA B 23 37.80 -5.18 -7.09
CA ALA B 23 36.55 -4.51 -6.64
C ALA B 23 35.46 -4.58 -7.72
N ARG B 24 34.22 -4.92 -7.32
CA ARG B 24 33.01 -4.80 -8.17
C ARG B 24 32.90 -3.42 -8.80
N PRO B 25 32.44 -3.33 -10.06
CA PRO B 25 32.29 -2.02 -10.68
C PRO B 25 31.24 -1.20 -9.93
N GLY B 26 31.62 0.04 -9.64
CA GLY B 26 30.77 0.93 -8.87
C GLY B 26 31.18 1.01 -7.41
N MET B 27 31.95 0.05 -6.90
CA MET B 27 32.46 0.11 -5.49
C MET B 27 33.75 0.91 -5.29
N GLU B 28 34.42 1.23 -6.40
CA GLU B 28 35.68 1.97 -6.33
C GLU B 28 35.57 3.25 -5.52
N ARG B 29 34.49 3.99 -5.70
CA ARG B 29 34.35 5.28 -5.05
C ARG B 29 34.13 5.15 -3.53
N TRP B 30 33.87 3.93 -3.04
CA TRP B 30 33.72 3.72 -1.62
C TRP B 30 34.99 3.26 -0.89
N ARG B 31 36.07 3.05 -1.66
CA ARG B 31 37.34 2.56 -1.10
C ARG B 31 37.80 3.41 0.06
N ASP B 32 38.12 2.74 1.16
CA ASP B 32 38.62 3.37 2.39
C ASP B 32 37.60 4.25 3.14
N ARG B 33 36.36 4.36 2.62
CA ARG B 33 35.32 5.10 3.33
C ARG B 33 34.74 4.19 4.42
N LEU B 34 34.12 4.79 5.43
CA LEU B 34 33.72 4.04 6.62
C LEU B 34 32.23 3.67 6.61
N ALA B 35 31.96 2.38 6.79
CA ALA B 35 30.60 1.88 6.94
C ALA B 35 30.38 1.36 8.35
N LEU B 36 29.30 1.77 9.00
CA LEU B 36 28.87 1.19 10.25
C LEU B 36 27.89 0.09 9.90
N VAL B 37 28.14 -1.11 10.40
CA VAL B 37 27.18 -2.20 10.25
C VAL B 37 26.75 -2.66 11.63
N THR B 38 25.50 -2.39 11.96
CA THR B 38 24.99 -2.81 13.28
C THR B 38 24.57 -4.27 13.27
N GLY B 39 24.70 -4.94 14.41
CA GLY B 39 24.45 -6.38 14.47
C GLY B 39 25.37 -7.18 13.54
N ALA B 40 26.67 -6.90 13.59
CA ALA B 40 27.65 -7.54 12.71
C ALA B 40 28.16 -8.89 13.19
N SER B 41 27.65 -9.44 14.29
N SER B 41 27.59 -9.36 14.30
CA SER B 41 28.32 -10.63 14.87
CA SER B 41 27.86 -10.68 14.82
C SER B 41 27.86 -11.98 14.31
C SER B 41 26.86 -11.61 14.11
N GLY B 42 26.84 -11.94 13.46
N GLY B 42 27.40 -12.58 13.39
CA GLY B 42 26.36 -13.14 12.77
CA GLY B 42 26.59 -13.50 12.60
C GLY B 42 25.30 -12.81 11.73
C GLY B 42 25.57 -12.90 11.62
N GLY B 43 24.88 -13.82 10.95
CA GLY B 43 23.73 -13.60 10.09
C GLY B 43 23.97 -12.60 8.98
N ILE B 44 22.95 -11.80 8.71
CA ILE B 44 23.02 -10.80 7.66
C ILE B 44 24.15 -9.78 7.92
N GLY B 45 24.22 -9.30 9.16
CA GLY B 45 25.22 -8.28 9.48
C GLY B 45 26.65 -8.76 9.25
N ALA B 46 26.96 -10.00 9.63
CA ALA B 46 28.31 -10.52 9.40
C ALA B 46 28.58 -10.63 7.89
N ALA B 47 27.58 -11.08 7.14
CA ALA B 47 27.74 -11.24 5.68
C ALA B 47 27.95 -9.87 5.03
N VAL B 48 27.18 -8.89 5.47
CA VAL B 48 27.29 -7.53 4.95
C VAL B 48 28.66 -6.98 5.28
N ALA B 49 29.09 -7.15 6.54
CA ALA B 49 30.43 -6.63 6.93
C ALA B 49 31.55 -7.27 6.10
N ARG B 50 31.53 -8.60 5.98
CA ARG B 50 32.53 -9.34 5.16
C ARG B 50 32.57 -8.80 3.73
N ALA B 51 31.38 -8.61 3.16
CA ALA B 51 31.31 -8.19 1.77
C ALA B 51 31.88 -6.79 1.58
N LEU B 52 31.64 -5.88 2.53
CA LEU B 52 32.13 -4.53 2.43
C LEU B 52 33.65 -4.49 2.65
N VAL B 53 34.13 -5.37 3.53
CA VAL B 53 35.60 -5.47 3.74
C VAL B 53 36.27 -5.99 2.46
N GLN B 54 35.63 -6.97 1.82
CA GLN B 54 36.17 -7.50 0.55
C GLN B 54 36.24 -6.40 -0.50
N GLN B 55 35.31 -5.45 -0.43
CA GLN B 55 35.27 -4.35 -1.38
C GLN B 55 36.14 -3.15 -0.99
N GLY B 56 36.87 -3.25 0.11
CA GLY B 56 37.90 -2.28 0.48
C GLY B 56 37.42 -1.14 1.37
N LEU B 57 36.27 -1.33 2.00
CA LEU B 57 35.75 -0.36 2.96
C LEU B 57 36.38 -0.54 4.35
N LYS B 58 36.41 0.56 5.12
CA LYS B 58 36.65 0.46 6.55
C LYS B 58 35.29 0.19 7.15
N VAL B 59 35.14 -0.91 7.88
CA VAL B 59 33.85 -1.26 8.44
C VAL B 59 33.94 -1.32 9.97
N VAL B 60 33.07 -0.58 10.65
CA VAL B 60 32.87 -0.75 12.09
C VAL B 60 31.67 -1.66 12.27
N GLY B 61 31.89 -2.84 12.84
CA GLY B 61 30.82 -3.78 13.09
C GLY B 61 30.58 -3.86 14.58
N CYS B 62 29.33 -3.66 14.98
CA CYS B 62 28.99 -3.66 16.39
C CYS B 62 27.95 -4.72 16.77
N ALA B 63 27.99 -5.10 18.03
CA ALA B 63 27.03 -6.03 18.60
C ALA B 63 27.28 -6.02 20.10
N ARG B 64 26.46 -6.74 20.86
CA ARG B 64 26.60 -6.75 22.33
C ARG B 64 27.82 -7.45 22.84
N THR B 65 28.38 -8.31 22.00
CA THR B 65 29.61 -9.00 22.31
C THR B 65 30.39 -9.17 21.00
N VAL B 66 31.70 -8.97 21.06
CA VAL B 66 32.51 -8.73 19.88
C VAL B 66 33.33 -9.94 19.39
N GLY B 67 33.33 -11.04 20.15
CA GLY B 67 34.16 -12.22 19.81
C GLY B 67 34.03 -12.70 18.38
N ASN B 68 32.78 -12.80 17.90
CA ASN B 68 32.52 -13.24 16.53
C ASN B 68 33.02 -12.22 15.50
N ILE B 69 32.91 -10.93 15.85
CA ILE B 69 33.37 -9.86 14.95
C ILE B 69 34.90 -9.81 14.91
N GLU B 70 35.56 -10.06 16.04
CA GLU B 70 37.01 -10.24 16.08
C GLU B 70 37.45 -11.41 15.21
N GLU B 71 36.73 -12.53 15.30
CA GLU B 71 37.08 -13.72 14.53
C GLU B 71 36.89 -13.41 13.04
N LEU B 72 35.80 -12.72 12.70
CA LEU B 72 35.59 -12.29 11.30
C LEU B 72 36.71 -11.35 10.80
N ALA B 73 37.08 -10.36 11.61
CA ALA B 73 38.16 -9.45 11.24
C ALA B 73 39.47 -10.20 10.96
N ALA B 74 39.78 -11.19 11.80
CA ALA B 74 40.96 -12.06 11.59
C ALA B 74 40.87 -12.90 10.30
N GLU B 75 39.68 -13.44 10.01
CA GLU B 75 39.43 -14.15 8.75
C GLU B 75 39.66 -13.26 7.53
N CYS B 76 39.11 -12.04 7.58
CA CYS B 76 39.31 -11.06 6.51
C CYS B 76 40.77 -10.69 6.31
N LYS B 77 41.49 -10.54 7.42
CA LYS B 77 42.92 -10.19 7.34
C LYS B 77 43.73 -11.36 6.76
N SER B 78 43.35 -12.59 7.13
CA SER B 78 44.01 -13.82 6.62
C SER B 78 43.78 -14.02 5.13
N ALA B 79 42.57 -13.66 4.67
CA ALA B 79 42.19 -13.76 3.26
C ALA B 79 42.81 -12.66 2.41
N GLY B 80 43.44 -11.67 3.04
CA GLY B 80 44.07 -10.56 2.31
C GLY B 80 43.09 -9.54 1.74
N TYR B 81 41.92 -9.44 2.36
CA TYR B 81 40.94 -8.45 1.90
C TYR B 81 41.53 -7.02 1.98
N PRO B 82 41.19 -6.15 1.01
CA PRO B 82 41.71 -4.77 1.01
C PRO B 82 41.14 -3.87 2.12
N GLY B 83 39.93 -4.18 2.60
CA GLY B 83 39.35 -3.38 3.67
C GLY B 83 39.78 -3.84 5.05
N THR B 84 39.23 -3.21 6.07
CA THR B 84 39.49 -3.61 7.45
C THR B 84 38.18 -3.62 8.24
N LEU B 85 38.04 -4.59 9.13
CA LEU B 85 36.87 -4.69 9.99
C LEU B 85 37.32 -4.33 11.42
N ILE B 86 36.59 -3.39 12.01
CA ILE B 86 36.84 -2.89 13.35
C ILE B 86 35.70 -3.27 14.28
N PRO B 87 35.93 -4.22 15.20
CA PRO B 87 34.89 -4.59 16.15
C PRO B 87 34.60 -3.47 17.14
N TYR B 88 33.33 -3.29 17.48
CA TYR B 88 32.92 -2.33 18.52
C TYR B 88 31.82 -2.97 19.33
N ARG B 89 31.95 -2.96 20.65
CA ARG B 89 30.91 -3.48 21.54
C ARG B 89 29.89 -2.40 21.78
N CYS B 90 28.63 -2.65 21.43
CA CYS B 90 27.61 -1.67 21.67
C CYS B 90 26.26 -2.38 21.87
N ASP B 91 25.60 -2.09 22.98
CA ASP B 91 24.21 -2.52 23.20
C ASP B 91 23.26 -1.42 22.70
N LEU B 92 22.61 -1.69 21.56
CA LEU B 92 21.73 -0.74 20.90
C LEU B 92 20.47 -0.38 21.70
N SER B 93 20.17 -1.13 22.77
CA SER B 93 19.02 -0.77 23.66
C SER B 93 19.38 0.35 24.64
N ASN B 94 20.66 0.74 24.65
CA ASN B 94 21.16 1.79 25.53
C ASN B 94 21.62 2.98 24.67
N GLU B 95 20.85 4.07 24.66
CA GLU B 95 21.21 5.24 23.85
C GLU B 95 22.63 5.79 24.14
N GLU B 96 22.99 5.88 25.40
CA GLU B 96 24.33 6.32 25.74
C GLU B 96 25.43 5.45 25.11
N ASP B 97 25.21 4.13 25.00
CA ASP B 97 26.18 3.23 24.37
C ASP B 97 26.25 3.63 22.88
N ILE B 98 25.12 3.95 22.28
CA ILE B 98 25.15 4.28 20.86
C ILE B 98 25.89 5.59 20.65
N LEU B 99 25.63 6.59 21.49
CA LEU B 99 26.24 7.91 21.32
C LEU B 99 27.74 7.76 21.52
N SER B 100 28.13 6.91 22.46
CA SER B 100 29.55 6.69 22.72
C SER B 100 30.22 6.04 21.50
N MET B 101 29.49 5.14 20.85
CA MET B 101 30.03 4.50 19.66
C MET B 101 30.29 5.56 18.56
N PHE B 102 29.31 6.42 18.30
CA PHE B 102 29.53 7.49 17.30
C PHE B 102 30.67 8.45 17.69
N SER B 103 30.77 8.76 18.98
CA SER B 103 31.87 9.60 19.45
C SER B 103 33.21 8.95 19.18
N ALA B 104 33.29 7.64 19.39
CA ALA B 104 34.54 6.91 19.14
C ALA B 104 34.87 6.87 17.65
N ILE B 105 33.84 6.60 16.84
CA ILE B 105 34.04 6.58 15.40
C ILE B 105 34.54 7.95 14.92
N ARG B 106 33.92 9.03 15.42
CA ARG B 106 34.34 10.40 15.02
C ARG B 106 35.81 10.67 15.42
N SER B 107 36.14 10.31 16.65
CA SER B 107 37.48 10.53 17.17
C SER B 107 38.56 9.72 16.45
N GLN B 108 38.29 8.43 16.22
CA GLN B 108 39.35 7.50 15.81
C GLN B 108 39.34 7.23 14.31
N HIS B 109 38.18 7.45 13.68
CA HIS B 109 38.02 7.12 12.27
C HIS B 109 37.26 8.19 11.45
N SER B 110 37.26 9.44 11.92
CA SER B 110 36.67 10.64 11.28
C SER B 110 35.14 10.75 11.35
N GLY B 111 34.47 9.70 10.90
CA GLY B 111 33.02 9.73 10.82
C GLY B 111 32.47 8.56 10.05
N VAL B 112 31.15 8.57 9.87
CA VAL B 112 30.43 7.47 9.23
C VAL B 112 29.93 7.99 7.88
N ASP B 113 30.28 7.26 6.81
CA ASP B 113 29.77 7.59 5.47
C ASP B 113 28.64 6.70 4.99
N ILE B 114 28.59 5.47 5.50
CA ILE B 114 27.51 4.50 5.21
C ILE B 114 27.04 3.94 6.54
N CYS B 115 25.72 3.99 6.77
CA CYS B 115 25.15 3.36 7.95
C CYS B 115 24.21 2.23 7.49
N ILE B 116 24.52 1.01 7.93
CA ILE B 116 23.66 -0.15 7.65
C ILE B 116 22.97 -0.50 8.96
N ASN B 117 21.69 -0.13 9.06
CA ASN B 117 20.89 -0.44 10.24
C ASN B 117 20.33 -1.87 10.11
N ASN B 118 21.14 -2.84 10.52
CA ASN B 118 20.83 -4.25 10.35
C ASN B 118 20.35 -4.88 11.68
N ALA B 119 20.85 -4.43 12.83
CA ALA B 119 20.42 -5.08 14.09
C ALA B 119 18.91 -5.04 14.21
N GLY B 120 18.37 -6.15 14.69
CA GLY B 120 16.91 -6.30 14.68
C GLY B 120 16.59 -7.53 15.47
N LEU B 121 15.38 -7.57 15.99
CA LEU B 121 14.90 -8.81 16.57
C LEU B 121 13.41 -8.98 16.57
N ALA B 122 13.00 -10.26 16.54
CA ALA B 122 11.61 -10.65 16.62
C ALA B 122 11.46 -11.49 17.87
N ARG B 123 10.44 -11.16 18.67
CA ARG B 123 10.13 -11.91 19.88
C ARG B 123 8.65 -12.32 19.73
N PRO B 124 8.30 -13.51 20.25
CA PRO B 124 6.98 -14.06 19.98
C PRO B 124 5.88 -13.55 20.95
N ASP B 125 5.77 -12.23 21.02
CA ASP B 125 4.80 -11.59 21.93
C ASP B 125 3.58 -11.20 21.13
N THR B 126 2.57 -12.05 21.20
CA THR B 126 1.37 -11.83 20.40
C THR B 126 0.62 -10.55 20.85
N LEU B 127 -0.28 -10.06 20.00
CA LEU B 127 -1.10 -8.92 20.37
C LEU B 127 -2.09 -9.27 21.48
N LEU B 128 -2.56 -10.51 21.52
CA LEU B 128 -3.58 -10.86 22.50
C LEU B 128 -3.03 -11.25 23.86
N SER B 129 -1.76 -11.70 23.90
CA SER B 129 -1.21 -12.29 25.11
C SER B 129 0.26 -11.93 25.37
N GLY B 130 0.87 -11.10 24.51
CA GLY B 130 2.31 -10.87 24.56
C GLY B 130 2.76 -10.09 25.77
N SER B 131 4.05 -10.20 26.07
CA SER B 131 4.69 -9.38 27.13
C SER B 131 5.03 -7.97 26.67
N THR B 132 4.75 -7.00 27.55
CA THR B 132 5.15 -5.65 27.27
C THR B 132 6.66 -5.52 27.13
N SER B 133 7.42 -6.26 27.94
CA SER B 133 8.91 -6.21 27.84
C SER B 133 9.36 -6.60 26.44
N GLY B 134 8.70 -7.63 25.84
CA GLY B 134 9.09 -8.04 24.46
C GLY B 134 8.74 -6.98 23.42
N TRP B 135 7.55 -6.37 23.53
CA TRP B 135 7.18 -5.29 22.63
C TRP B 135 8.18 -4.16 22.73
N LYS B 136 8.52 -3.78 23.96
CA LYS B 136 9.45 -2.67 24.13
C LYS B 136 10.85 -2.99 23.55
N ASP B 137 11.30 -4.23 23.74
CA ASP B 137 12.63 -4.62 23.24
C ASP B 137 12.63 -4.54 21.70
N MET B 138 11.59 -5.08 21.07
CA MET B 138 11.51 -4.98 19.61
C MET B 138 11.48 -3.55 19.13
N PHE B 139 10.69 -2.68 19.76
CA PHE B 139 10.71 -1.28 19.37
C PHE B 139 12.07 -0.67 19.60
N ASN B 140 12.68 -0.95 20.76
CA ASN B 140 13.93 -0.31 21.16
C ASN B 140 15.03 -0.56 20.13
N VAL B 141 15.09 -1.78 19.62
CA VAL B 141 16.18 -2.14 18.68
C VAL B 141 15.71 -1.83 17.26
N ASN B 142 14.53 -2.31 16.89
CA ASN B 142 14.12 -2.26 15.47
C ASN B 142 13.83 -0.85 14.95
N VAL B 143 13.36 0.01 15.87
CA VAL B 143 12.91 1.34 15.49
C VAL B 143 13.70 2.45 16.17
N LEU B 144 13.78 2.42 17.52
CA LEU B 144 14.49 3.50 18.20
C LEU B 144 15.99 3.51 17.91
N ALA B 145 16.66 2.37 18.07
CA ALA B 145 18.12 2.32 17.76
C ALA B 145 18.41 2.65 16.31
N LEU B 146 17.57 2.15 15.41
CA LEU B 146 17.73 2.44 14.01
C LEU B 146 17.63 3.95 13.78
N SER B 147 16.66 4.59 14.48
CA SER B 147 16.44 6.03 14.28
C SER B 147 17.60 6.82 14.92
N ILE B 148 18.10 6.32 16.06
CA ILE B 148 19.24 7.01 16.71
C ILE B 148 20.49 6.91 15.81
N CYS B 149 20.78 5.69 15.32
CA CYS B 149 21.92 5.53 14.41
C CYS B 149 21.78 6.36 13.15
N THR B 150 20.56 6.42 12.58
CA THR B 150 20.30 7.25 11.40
C THR B 150 20.67 8.72 11.62
N ARG B 151 20.18 9.23 12.75
CA ARG B 151 20.36 10.61 13.15
C ARG B 151 21.86 10.93 13.33
N GLU B 152 22.58 10.06 14.05
CA GLU B 152 23.97 10.33 14.40
C GLU B 152 24.82 10.19 13.13
N ALA B 153 24.46 9.24 12.29
CA ALA B 153 25.16 9.09 11.00
C ALA B 153 24.97 10.30 10.10
N TYR B 154 23.72 10.74 9.93
CA TYR B 154 23.50 12.01 9.22
C TYR B 154 24.30 13.14 9.84
N GLN B 155 24.25 13.32 11.15
CA GLN B 155 24.97 14.43 11.76
C GLN B 155 26.48 14.34 11.54
N SER B 156 27.00 13.11 11.50
CA SER B 156 28.41 12.88 11.15
C SER B 156 28.70 13.36 9.73
N MET B 157 27.82 13.04 8.79
CA MET B 157 28.05 13.44 7.40
C MET B 157 27.95 14.93 7.29
N LYS B 158 26.94 15.52 7.93
CA LYS B 158 26.74 16.97 7.85
C LYS B 158 27.98 17.74 8.34
N GLU B 159 28.55 17.33 9.48
CA GLU B 159 29.69 18.07 10.07
C GLU B 159 30.97 17.95 9.24
N ARG B 160 31.02 16.97 8.36
CA ARG B 160 32.16 16.76 7.47
C ARG B 160 31.86 17.19 6.01
N ASN B 161 30.69 17.79 5.79
CA ASN B 161 30.28 18.19 4.43
C ASN B 161 30.28 17.02 3.47
N VAL B 162 29.83 15.87 3.99
CA VAL B 162 29.71 14.72 3.13
C VAL B 162 28.32 14.79 2.50
N ASP B 163 28.28 14.82 1.17
CA ASP B 163 27.02 15.05 0.48
C ASP B 163 26.47 13.81 -0.20
N ASP B 164 27.20 12.69 -0.09
CA ASP B 164 26.89 11.51 -0.92
C ASP B 164 26.90 10.21 -0.08
N GLY B 165 26.70 10.34 1.22
CA GLY B 165 26.68 9.15 2.08
C GLY B 165 25.46 8.29 1.79
N HIS B 166 25.32 7.20 2.53
CA HIS B 166 24.21 6.27 2.27
C HIS B 166 23.77 5.59 3.55
N ILE B 167 22.48 5.62 3.78
CA ILE B 167 21.92 4.97 4.97
C ILE B 167 21.00 3.86 4.42
N ILE B 168 21.22 2.63 4.90
CA ILE B 168 20.50 1.49 4.41
C ILE B 168 19.86 0.76 5.60
N ASN B 169 18.53 0.66 5.60
CA ASN B 169 17.81 -0.07 6.63
C ASN B 169 17.48 -1.47 6.17
N ILE B 170 17.82 -2.49 6.98
CA ILE B 170 17.39 -3.86 6.70
C ILE B 170 16.01 -4.09 7.30
N ASN B 171 15.05 -4.17 6.40
CA ASN B 171 13.61 -4.23 6.67
C ASN B 171 13.25 -5.71 6.55
N SER B 172 12.05 -5.99 6.06
CA SER B 172 11.55 -7.36 5.99
C SER B 172 10.33 -7.30 5.10
N MET B 173 9.99 -8.39 4.44
CA MET B 173 8.71 -8.46 3.76
C MET B 173 7.56 -8.26 4.80
N SER B 174 7.82 -8.57 6.07
CA SER B 174 6.83 -8.27 7.15
C SER B 174 6.61 -6.77 7.32
N GLY B 175 7.44 -5.96 6.69
CA GLY B 175 7.19 -4.51 6.76
C GLY B 175 6.27 -4.01 5.66
N HIS B 176 5.70 -4.96 4.88
CA HIS B 176 4.87 -4.64 3.71
C HIS B 176 3.55 -5.39 3.70
N ARG B 177 3.44 -6.42 4.52
CA ARG B 177 2.18 -7.13 4.64
C ARG B 177 2.22 -7.85 5.97
N VAL B 178 1.03 -8.04 6.52
CA VAL B 178 0.89 -8.73 7.82
C VAL B 178 0.45 -10.18 7.60
N LEU B 179 1.38 -11.09 7.91
CA LEU B 179 1.12 -12.52 7.74
C LEU B 179 0.36 -13.05 8.96
N PRO B 180 -0.58 -14.01 8.75
CA PRO B 180 -1.36 -14.59 9.87
C PRO B 180 -0.57 -15.56 10.77
N LEU B 181 0.55 -15.08 11.27
CA LEU B 181 1.37 -15.79 12.27
C LEU B 181 1.42 -14.91 13.49
N SER B 182 0.79 -15.34 14.57
CA SER B 182 0.51 -14.43 15.70
C SER B 182 1.77 -13.95 16.33
N VAL B 183 2.77 -14.85 16.30
CA VAL B 183 3.98 -14.55 17.04
C VAL B 183 4.86 -13.56 16.35
N THR B 184 4.52 -13.14 15.13
CA THR B 184 5.35 -12.10 14.49
C THR B 184 4.57 -10.79 14.24
N HIS B 185 3.35 -10.69 14.76
CA HIS B 185 2.58 -9.45 14.45
C HIS B 185 3.15 -8.15 14.94
N PHE B 186 3.64 -8.15 16.18
CA PHE B 186 4.24 -6.93 16.69
C PHE B 186 5.55 -6.62 15.92
N TYR B 187 6.33 -7.68 15.69
CA TYR B 187 7.54 -7.50 14.89
C TYR B 187 7.19 -6.89 13.52
N SER B 188 6.17 -7.44 12.84
CA SER B 188 5.71 -6.87 11.58
C SER B 188 5.37 -5.38 11.71
N ALA B 189 4.73 -4.99 12.81
CA ALA B 189 4.34 -3.59 12.98
C ALA B 189 5.61 -2.77 13.09
N THR B 190 6.65 -3.31 13.73
CA THR B 190 7.91 -2.51 13.77
C THR B 190 8.56 -2.37 12.41
N LYS B 191 8.40 -3.38 11.57
CA LYS B 191 8.95 -3.29 10.20
C LYS B 191 8.14 -2.34 9.32
N TYR B 192 6.82 -2.29 9.49
CA TYR B 192 6.03 -1.23 8.82
C TYR B 192 6.52 0.16 9.25
N ALA B 193 6.79 0.33 10.54
CA ALA B 193 7.40 1.59 10.98
C ALA B 193 8.71 1.91 10.22
N VAL B 194 9.54 0.88 10.05
CA VAL B 194 10.82 1.12 9.34
C VAL B 194 10.55 1.51 7.86
N THR B 195 9.56 0.89 7.22
CA THR B 195 9.14 1.30 5.84
C THR B 195 8.84 2.79 5.82
N ALA B 196 8.04 3.24 6.78
CA ALA B 196 7.70 4.66 6.84
C ALA B 196 8.90 5.57 7.18
N LEU B 197 9.77 5.12 8.08
CA LEU B 197 10.97 5.93 8.43
C LEU B 197 11.90 6.08 7.26
N THR B 198 12.08 5.02 6.46
CA THR B 198 13.00 5.11 5.33
C THR B 198 12.52 6.14 4.30
N GLU B 199 11.21 6.16 4.05
CA GLU B 199 10.62 7.15 3.14
C GLU B 199 10.73 8.57 3.73
N GLY B 200 10.39 8.70 5.03
CA GLY B 200 10.51 10.01 5.67
C GLY B 200 11.99 10.50 5.65
N LEU B 201 12.92 9.57 5.82
CA LEU B 201 14.36 9.89 5.77
C LEU B 201 14.77 10.43 4.40
N ARG B 202 14.34 9.73 3.34
CA ARG B 202 14.53 10.22 1.98
CA ARG B 202 14.58 10.25 2.00
C ARG B 202 14.07 11.67 1.87
N GLN B 203 12.82 11.89 2.31
CA GLN B 203 12.21 13.23 2.25
C GLN B 203 13.06 14.30 2.98
N GLU B 204 13.56 13.96 4.18
CA GLU B 204 14.36 14.93 4.96
C GLU B 204 15.73 15.21 4.34
N LEU B 205 16.36 14.19 3.75
CA LEU B 205 17.65 14.33 3.10
C LEU B 205 17.54 15.20 1.85
N ARG B 206 16.40 15.08 1.16
CA ARG B 206 16.12 15.96 0.02
C ARG B 206 15.87 17.40 0.51
N GLU B 207 15.07 17.52 1.56
CA GLU B 207 14.77 18.84 2.16
C GLU B 207 16.04 19.57 2.63
N ALA B 208 17.00 18.81 3.16
CA ALA B 208 18.30 19.35 3.62
C ALA B 208 19.24 19.69 2.45
N GLN B 209 18.76 19.42 1.24
CA GLN B 209 19.48 19.77 -0.01
C GLN B 209 20.78 18.96 -0.14
N THR B 210 20.70 17.68 0.18
CA THR B 210 21.85 16.77 0.09
C THR B 210 21.57 15.71 -0.94
N HIS B 211 22.64 15.00 -1.30
CA HIS B 211 22.53 13.82 -2.17
C HIS B 211 22.85 12.57 -1.38
N ILE B 212 22.68 12.64 -0.07
CA ILE B 212 22.80 11.46 0.80
C ILE B 212 21.61 10.55 0.46
N ARG B 213 21.87 9.26 0.33
CA ARG B 213 20.87 8.31 -0.15
C ARG B 213 20.28 7.52 1.00
N ALA B 214 19.03 7.08 0.85
CA ALA B 214 18.34 6.29 1.87
C ALA B 214 17.68 5.11 1.17
N THR B 215 17.86 3.90 1.69
CA THR B 215 17.34 2.71 1.01
C THR B 215 16.86 1.73 2.05
N CYS B 216 15.82 0.98 1.73
CA CYS B 216 15.40 -0.20 2.52
CA CYS B 216 15.63 -0.22 2.57
C CYS B 216 15.72 -1.47 1.73
N ILE B 217 16.17 -2.53 2.39
CA ILE B 217 16.22 -3.83 1.73
C ILE B 217 15.25 -4.70 2.53
N SER B 218 14.33 -5.38 1.82
CA SER B 218 13.23 -6.06 2.46
C SER B 218 13.19 -7.53 2.12
N PRO B 219 14.03 -8.32 2.79
CA PRO B 219 13.97 -9.77 2.49
C PRO B 219 12.89 -10.55 3.26
N GLY B 220 12.42 -11.64 2.67
N GLY B 220 12.45 -11.63 2.62
CA GLY B 220 11.50 -12.52 3.36
CA GLY B 220 11.53 -12.60 3.22
C GLY B 220 12.34 -13.49 4.19
C GLY B 220 12.28 -13.92 3.39
N VAL B 221 11.82 -14.69 4.37
CA VAL B 221 12.57 -15.75 5.05
C VAL B 221 14.05 -15.98 4.75
N VAL B 222 14.84 -15.52 5.69
CA VAL B 222 16.27 -15.70 5.64
C VAL B 222 16.66 -16.78 6.65
N GLU B 223 17.57 -17.66 6.28
CA GLU B 223 18.14 -18.62 7.21
C GLU B 223 18.72 -17.93 8.44
N THR B 224 18.28 -18.35 9.64
CA THR B 224 18.77 -17.76 10.91
C THR B 224 20.07 -18.45 11.35
N GLN B 225 20.85 -17.78 12.21
CA GLN B 225 22.09 -18.33 12.72
C GLN B 225 21.77 -19.57 13.55
N PHE B 226 20.66 -19.49 14.26
CA PHE B 226 20.16 -20.63 15.01
C PHE B 226 20.11 -21.90 14.13
N ALA B 227 19.34 -21.78 13.05
CA ALA B 227 19.18 -22.88 12.09
C ALA B 227 20.51 -23.30 11.51
N PHE B 228 21.32 -22.32 11.11
CA PHE B 228 22.63 -22.61 10.56
C PHE B 228 23.44 -23.49 11.54
N LYS B 229 23.55 -23.06 12.79
CA LYS B 229 24.32 -23.82 13.81
C LYS B 229 23.77 -25.20 14.13
N LEU B 230 22.43 -25.34 14.13
CA LEU B 230 21.80 -26.64 14.37
C LEU B 230 22.18 -27.67 13.32
N HIS B 231 22.41 -27.19 12.08
CA HIS B 231 22.56 -28.02 10.87
C HIS B 231 21.26 -28.79 10.59
N MET B 245 14.65 -22.83 -3.69
CA MET B 245 14.87 -22.94 -2.23
C MET B 245 13.75 -22.29 -1.43
N LYS B 246 13.64 -22.72 -0.17
CA LYS B 246 12.60 -22.24 0.72
C LYS B 246 13.13 -21.13 1.62
N CYS B 247 14.42 -20.79 1.48
CA CYS B 247 15.03 -19.67 2.25
C CYS B 247 16.11 -18.84 1.52
N LEU B 248 16.21 -17.58 1.92
CA LEU B 248 17.30 -16.71 1.51
C LEU B 248 18.48 -16.98 2.44
N LYS B 249 19.69 -16.71 1.97
CA LYS B 249 20.89 -16.75 2.83
C LYS B 249 21.37 -15.36 3.12
N PRO B 250 22.10 -15.18 4.26
CA PRO B 250 22.62 -13.85 4.60
C PRO B 250 23.43 -13.21 3.43
N GLU B 251 24.19 -14.03 2.68
CA GLU B 251 24.96 -13.56 1.54
C GLU B 251 24.09 -12.90 0.44
N ASP B 252 22.85 -13.38 0.32
CA ASP B 252 21.91 -12.83 -0.68
C ASP B 252 21.58 -11.41 -0.30
N VAL B 253 21.41 -11.17 0.99
CA VAL B 253 21.11 -9.81 1.43
C VAL B 253 22.35 -8.92 1.29
N ALA B 254 23.52 -9.45 1.63
CA ALA B 254 24.77 -8.71 1.41
C ALA B 254 24.95 -8.32 -0.07
N GLU B 255 24.65 -9.23 -0.99
CA GLU B 255 24.73 -8.91 -2.42
C GLU B 255 23.76 -7.77 -2.82
N ALA B 256 22.61 -7.69 -2.16
CA ALA B 256 21.68 -6.59 -2.45
C ALA B 256 22.24 -5.28 -1.93
N VAL B 257 22.88 -5.32 -0.76
CA VAL B 257 23.61 -4.13 -0.23
C VAL B 257 24.71 -3.66 -1.19
N ILE B 258 25.51 -4.61 -1.72
CA ILE B 258 26.56 -4.25 -2.69
C ILE B 258 25.94 -3.63 -3.95
N TYR B 259 24.86 -4.22 -4.47
CA TYR B 259 24.19 -3.64 -5.63
C TYR B 259 23.76 -2.17 -5.29
N VAL B 260 23.09 -1.99 -4.17
CA VAL B 260 22.65 -0.64 -3.79
C VAL B 260 23.83 0.35 -3.70
N LEU B 261 24.91 -0.02 -3.02
CA LEU B 261 26.02 0.91 -2.85
C LEU B 261 26.71 1.14 -4.19
N SER B 262 26.73 0.12 -5.05
CA SER B 262 27.45 0.23 -6.32
C SER B 262 26.76 1.14 -7.35
N THR B 263 25.46 1.40 -7.16
CA THR B 263 24.76 2.28 -8.10
C THR B 263 25.44 3.65 -8.11
N PRO B 264 25.62 4.26 -9.30
CA PRO B 264 26.13 5.62 -9.36
C PRO B 264 25.32 6.57 -8.46
N ALA B 265 25.98 7.66 -8.07
CA ALA B 265 25.44 8.59 -7.06
C ALA B 265 24.06 9.18 -7.39
N HIS B 266 23.72 9.28 -8.67
CA HIS B 266 22.46 9.94 -9.06
C HIS B 266 21.26 9.00 -8.95
N ILE B 267 21.53 7.74 -8.58
CA ILE B 267 20.49 6.72 -8.46
C ILE B 267 20.23 6.50 -6.98
N GLN B 268 18.97 6.54 -6.62
CA GLN B 268 18.56 6.20 -5.26
C GLN B 268 17.59 5.02 -5.22
N ILE B 269 18.10 3.84 -4.90
CA ILE B 269 17.25 2.67 -4.73
C ILE B 269 16.41 2.92 -3.47
N GLY B 270 15.08 2.85 -3.57
CA GLY B 270 14.26 3.05 -2.40
C GLY B 270 14.01 1.75 -1.63
N ASP B 271 13.76 0.68 -2.36
CA ASP B 271 13.41 -0.61 -1.70
C ASP B 271 13.78 -1.72 -2.64
N ILE B 272 14.29 -2.81 -2.08
CA ILE B 272 14.40 -4.05 -2.84
C ILE B 272 13.67 -5.11 -2.05
N GLN B 273 12.58 -5.64 -2.62
CA GLN B 273 11.79 -6.67 -1.94
C GLN B 273 12.26 -7.98 -2.53
N MET B 274 12.61 -8.94 -1.67
CA MET B 274 13.06 -10.23 -2.19
CA MET B 274 13.13 -10.22 -2.16
C MET B 274 12.60 -11.37 -1.31
N ARG B 275 12.31 -12.50 -1.94
CA ARG B 275 11.83 -13.68 -1.22
C ARG B 275 12.50 -14.87 -1.87
N PRO B 276 12.48 -16.04 -1.20
CA PRO B 276 12.95 -17.24 -1.88
C PRO B 276 12.02 -17.63 -3.01
N THR B 277 12.57 -18.10 -4.12
CA THR B 277 11.76 -18.50 -5.27
C THR B 277 10.69 -19.54 -4.94
N GLY B 278 11.09 -20.49 -4.09
CA GLY B 278 10.23 -21.58 -3.69
C GLY B 278 9.28 -21.31 -2.53
N SER B 279 9.15 -20.03 -2.13
CA SER B 279 8.30 -19.66 -1.01
C SER B 279 6.87 -19.40 -1.50
N ALA C 23 -31.72 5.62 20.88
CA ALA C 23 -30.48 5.11 20.26
C ALA C 23 -30.60 5.10 18.73
N ARG C 24 -29.46 5.14 18.07
CA ARG C 24 -29.36 4.98 16.61
C ARG C 24 -29.63 3.52 16.25
N PRO C 25 -30.33 3.27 15.12
CA PRO C 25 -30.48 1.89 14.65
C PRO C 25 -29.14 1.16 14.64
N GLY C 26 -29.06 0.06 15.40
CA GLY C 26 -27.84 -0.72 15.49
C GLY C 26 -27.13 -0.57 16.81
N MET C 27 -27.39 0.52 17.53
CA MET C 27 -26.69 0.76 18.79
C MET C 27 -27.41 0.12 20.00
N GLU C 28 -28.61 -0.40 19.80
CA GLU C 28 -29.39 -0.94 20.93
C GLU C 28 -28.67 -2.10 21.61
N ARG C 29 -28.00 -2.95 20.83
CA ARG C 29 -27.33 -4.12 21.41
C ARG C 29 -26.14 -3.76 22.30
N TRP C 30 -25.72 -2.49 22.23
CA TRP C 30 -24.63 -1.99 23.05
C TRP C 30 -25.11 -1.31 24.33
N ARG C 31 -26.41 -1.11 24.46
CA ARG C 31 -26.94 -0.42 25.63
C ARG C 31 -26.39 -1.00 26.95
N ASP C 32 -25.92 -0.10 27.84
CA ASP C 32 -25.40 -0.46 29.18
C ASP C 32 -24.12 -1.29 29.15
N ARG C 33 -23.58 -1.57 27.97
CA ARG C 33 -22.26 -2.24 27.91
C ARG C 33 -21.15 -1.21 28.01
N LEU C 34 -19.97 -1.68 28.39
CA LEU C 34 -18.93 -0.77 28.80
C LEU C 34 -17.89 -0.54 27.72
N ALA C 35 -17.70 0.73 27.37
CA ALA C 35 -16.64 1.15 26.46
C ALA C 35 -15.57 1.89 27.24
N LEU C 36 -14.31 1.57 26.97
CA LEU C 36 -13.17 2.36 27.43
C LEU C 36 -12.78 3.30 26.30
N VAL C 37 -12.70 4.60 26.60
CA VAL C 37 -12.23 5.57 25.58
C VAL C 37 -10.99 6.20 26.17
N THR C 38 -9.82 5.90 25.56
CA THR C 38 -8.61 6.52 26.06
C THR C 38 -8.43 7.92 25.50
N GLY C 39 -7.80 8.80 26.26
CA GLY C 39 -7.64 10.17 25.77
C GLY C 39 -8.97 10.92 25.71
N ALA C 40 -9.78 10.82 26.78
CA ALA C 40 -11.13 11.39 26.77
C ALA C 40 -11.22 12.82 27.26
N SER C 41 -10.07 13.44 27.59
CA SER C 41 -10.08 14.79 28.16
C SER C 41 -10.18 15.93 27.13
N GLY C 42 -10.27 15.57 25.83
CA GLY C 42 -10.44 16.60 24.79
C GLY C 42 -10.48 15.96 23.42
N GLY C 43 -10.64 16.80 22.40
CA GLY C 43 -10.47 16.34 21.03
C GLY C 43 -11.39 15.20 20.65
N ILE C 44 -10.84 14.31 19.84
CA ILE C 44 -11.67 13.22 19.31
C ILE C 44 -12.18 12.32 20.45
N GLY C 45 -11.31 12.01 21.41
CA GLY C 45 -11.74 11.07 22.48
C GLY C 45 -12.91 11.66 23.31
N ALA C 46 -12.91 12.96 23.58
CA ALA C 46 -14.04 13.56 24.33
C ALA C 46 -15.31 13.43 23.48
N ALA C 47 -15.19 13.69 22.17
CA ALA C 47 -16.35 13.53 21.29
C ALA C 47 -16.91 12.11 21.19
N VAL C 48 -16.00 11.13 21.10
CA VAL C 48 -16.38 9.74 21.08
C VAL C 48 -17.07 9.37 22.41
N ALA C 49 -16.47 9.77 23.53
CA ALA C 49 -17.07 9.46 24.84
C ALA C 49 -18.49 10.05 24.90
N ARG C 50 -18.65 11.32 24.47
CA ARG C 50 -19.97 11.94 24.51
C ARG C 50 -20.97 11.16 23.62
N ALA C 51 -20.53 10.82 22.42
CA ALA C 51 -21.44 10.12 21.49
C ALA C 51 -21.86 8.79 22.08
N LEU C 52 -20.92 8.07 22.68
CA LEU C 52 -21.29 6.77 23.25
C LEU C 52 -22.23 6.91 24.43
N VAL C 53 -22.03 7.94 25.26
CA VAL C 53 -22.96 8.21 26.38
C VAL C 53 -24.35 8.57 25.84
N GLN C 54 -24.38 9.38 24.77
CA GLN C 54 -25.67 9.68 24.11
C GLN C 54 -26.41 8.45 23.64
N GLN C 55 -25.63 7.41 23.26
CA GLN C 55 -26.20 6.18 22.68
C GLN C 55 -26.45 5.14 23.77
N GLY C 56 -26.27 5.54 25.03
CA GLY C 56 -26.67 4.70 26.15
C GLY C 56 -25.65 3.73 26.68
N LEU C 57 -24.38 3.94 26.36
CA LEU C 57 -23.34 3.07 26.91
C LEU C 57 -22.86 3.59 28.26
N LYS C 58 -22.29 2.68 29.05
CA LYS C 58 -21.41 3.07 30.16
C LYS C 58 -20.04 3.28 29.58
N VAL C 59 -19.45 4.46 29.79
CA VAL C 59 -18.14 4.74 29.22
C VAL C 59 -17.14 5.09 30.31
N VAL C 60 -16.02 4.36 30.32
CA VAL C 60 -14.88 4.82 31.13
C VAL C 60 -13.99 5.66 30.23
N GLY C 61 -13.88 6.95 30.57
CA GLY C 61 -13.05 7.86 29.80
C GLY C 61 -11.83 8.18 30.62
N CYS C 62 -10.62 8.02 30.02
CA CYS C 62 -9.41 8.20 30.80
C CYS C 62 -8.45 9.11 30.09
N ALA C 63 -7.61 9.78 30.89
CA ALA C 63 -6.53 10.66 30.43
C ALA C 63 -5.82 11.16 31.68
N ARG C 64 -4.78 11.96 31.50
CA ARG C 64 -4.13 12.59 32.65
C ARG C 64 -4.97 13.74 33.22
N THR C 65 -5.62 14.51 32.34
CA THR C 65 -6.38 15.69 32.75
C THR C 65 -7.80 15.28 33.11
N VAL C 66 -7.93 14.58 34.25
CA VAL C 66 -9.20 13.94 34.60
C VAL C 66 -10.31 14.98 34.86
N GLY C 67 -9.93 16.20 35.25
CA GLY C 67 -10.89 17.31 35.51
C GLY C 67 -11.75 17.60 34.29
N ASN C 68 -11.14 17.55 33.11
CA ASN C 68 -11.88 17.72 31.87
C ASN C 68 -12.95 16.64 31.64
N ILE C 69 -12.62 15.42 32.03
CA ILE C 69 -13.51 14.28 31.84
C ILE C 69 -14.64 14.37 32.90
N GLU C 70 -14.33 14.85 34.09
CA GLU C 70 -15.38 15.07 35.09
C GLU C 70 -16.37 16.12 34.57
N GLU C 71 -15.85 17.16 33.93
CA GLU C 71 -16.74 18.21 33.42
C GLU C 71 -17.62 17.67 32.29
N LEU C 72 -17.03 16.84 31.43
CA LEU C 72 -17.79 16.21 30.37
C LEU C 72 -18.87 15.29 30.97
N ALA C 73 -18.53 14.52 32.02
CA ALA C 73 -19.53 13.64 32.64
C ALA C 73 -20.68 14.50 33.19
N ALA C 74 -20.34 15.65 33.79
CA ALA C 74 -21.38 16.57 34.32
C ALA C 74 -22.28 17.15 33.19
N GLU C 75 -21.66 17.51 32.07
CA GLU C 75 -22.39 17.96 30.87
C GLU C 75 -23.36 16.86 30.38
N CYS C 76 -22.88 15.61 30.31
CA CYS C 76 -23.70 14.50 29.85
C CYS C 76 -24.90 14.26 30.78
N LYS C 77 -24.65 14.28 32.09
CA LYS C 77 -25.70 14.11 33.11
C LYS C 77 -26.74 15.25 33.00
N SER C 78 -26.22 16.47 32.85
CA SER C 78 -27.07 17.65 32.69
C SER C 78 -27.94 17.58 31.45
N ALA C 79 -27.40 16.99 30.38
CA ALA C 79 -28.13 16.79 29.12
C ALA C 79 -29.18 15.70 29.23
N GLY C 80 -29.12 14.89 30.27
CA GLY C 80 -30.08 13.80 30.48
C GLY C 80 -29.84 12.62 29.54
N TYR C 81 -28.59 12.44 29.08
CA TYR C 81 -28.23 11.29 28.21
C TYR C 81 -28.47 9.96 28.94
N PRO C 82 -28.85 8.90 28.19
CA PRO C 82 -29.16 7.61 28.81
C PRO C 82 -27.93 6.91 29.38
N GLY C 83 -26.75 7.10 28.77
CA GLY C 83 -25.51 6.46 29.22
C GLY C 83 -24.89 7.19 30.40
N THR C 84 -23.70 6.75 30.82
CA THR C 84 -23.00 7.38 31.93
C THR C 84 -21.52 7.45 31.61
N LEU C 85 -20.90 8.57 31.93
CA LEU C 85 -19.45 8.68 31.77
C LEU C 85 -18.80 8.57 33.14
N ILE C 86 -17.82 7.64 33.21
CA ILE C 86 -17.03 7.41 34.40
C ILE C 86 -15.62 7.96 34.14
N PRO C 87 -15.27 9.08 34.79
CA PRO C 87 -13.89 9.58 34.56
C PRO C 87 -12.88 8.71 35.27
N TYR C 88 -11.70 8.58 34.67
CA TYR C 88 -10.63 7.85 35.32
C TYR C 88 -9.28 8.49 34.96
N ARG C 89 -8.48 8.84 35.97
CA ARG C 89 -7.15 9.41 35.73
C ARG C 89 -6.18 8.27 35.41
N CYS C 90 -5.54 8.35 34.25
CA CYS C 90 -4.58 7.33 33.92
C CYS C 90 -3.55 7.96 32.96
N ASP C 91 -2.27 7.81 33.31
CA ASP C 91 -1.20 8.16 32.42
C ASP C 91 -0.80 6.91 31.66
N LEU C 92 -1.10 6.95 30.37
CA LEU C 92 -0.96 5.78 29.50
C LEU C 92 0.51 5.42 29.22
N SER C 93 1.42 6.33 29.57
CA SER C 93 2.89 6.08 29.48
C SER C 93 3.35 5.19 30.64
N ASN C 94 2.47 4.90 31.58
CA ASN C 94 2.82 4.09 32.76
C ASN C 94 2.01 2.81 32.72
N GLU C 95 2.65 1.68 32.42
CA GLU C 95 1.90 0.43 32.34
C GLU C 95 1.14 0.07 33.62
N GLU C 96 1.77 0.29 34.77
CA GLU C 96 1.12 -0.04 36.03
C GLU C 96 -0.18 0.76 36.20
N ASP C 97 -0.15 2.03 35.77
CA ASP C 97 -1.35 2.87 35.78
C ASP C 97 -2.45 2.22 34.92
N ILE C 98 -2.07 1.74 33.74
CA ILE C 98 -3.07 1.09 32.88
C ILE C 98 -3.63 -0.21 33.49
N LEU C 99 -2.73 -1.05 34.01
CA LEU C 99 -3.18 -2.27 34.68
C LEU C 99 -4.11 -1.96 35.85
N SER C 100 -3.81 -0.94 36.63
CA SER C 100 -4.67 -0.62 37.78
C SER C 100 -6.07 -0.15 37.29
N MET C 101 -6.09 0.55 36.15
CA MET C 101 -7.37 0.99 35.58
C MET C 101 -8.23 -0.20 35.19
N PHE C 102 -7.64 -1.15 34.45
CA PHE C 102 -8.37 -2.36 34.10
C PHE C 102 -8.85 -3.15 35.31
N SER C 103 -8.02 -3.19 36.36
CA SER C 103 -8.39 -3.84 37.63
C SER C 103 -9.63 -3.18 38.27
N ALA C 104 -9.63 -1.84 38.24
CA ALA C 104 -10.74 -1.05 38.76
C ALA C 104 -11.99 -1.29 37.93
N ILE C 105 -11.85 -1.29 36.61
CA ILE C 105 -13.02 -1.58 35.74
C ILE C 105 -13.59 -2.97 36.03
N ARG C 106 -12.71 -3.98 36.14
CA ARG C 106 -13.15 -5.34 36.48
C ARG C 106 -13.94 -5.37 37.79
N SER C 107 -13.38 -4.79 38.84
CA SER C 107 -13.99 -4.91 40.16
C SER C 107 -15.28 -4.10 40.28
N GLN C 108 -15.35 -2.97 39.59
CA GLN C 108 -16.46 -2.05 39.78
C GLN C 108 -17.48 -2.10 38.68
N HIS C 109 -17.06 -2.47 37.46
CA HIS C 109 -17.94 -2.43 36.28
C HIS C 109 -17.87 -3.70 35.41
N SER C 110 -17.46 -4.83 36.00
CA SER C 110 -17.33 -6.15 35.34
C SER C 110 -16.16 -6.26 34.36
N GLY C 111 -16.10 -5.36 33.39
CA GLY C 111 -15.10 -5.50 32.33
C GLY C 111 -15.39 -4.58 31.16
N VAL C 112 -14.52 -4.66 30.15
CA VAL C 112 -14.52 -3.78 28.98
C VAL C 112 -15.03 -4.57 27.75
N ASP C 113 -16.08 -4.09 27.11
CA ASP C 113 -16.60 -4.79 25.92
C ASP C 113 -16.21 -4.07 24.63
N ILE C 114 -15.93 -2.77 24.73
CA ILE C 114 -15.47 -1.95 23.57
C ILE C 114 -14.25 -1.16 24.05
N CYS C 115 -13.20 -1.15 23.25
CA CYS C 115 -11.98 -0.42 23.62
C CYS C 115 -11.67 0.52 22.46
N ILE C 116 -11.73 1.82 22.73
CA ILE C 116 -11.36 2.82 21.72
C ILE C 116 -9.98 3.33 22.09
N ASN C 117 -8.96 2.92 21.30
CA ASN C 117 -7.61 3.37 21.51
C ASN C 117 -7.41 4.65 20.78
N ASN C 118 -7.75 5.74 21.47
CA ASN C 118 -7.73 7.09 20.88
C ASN C 118 -6.52 7.98 21.28
N ALA C 119 -6.00 7.85 22.52
CA ALA C 119 -4.95 8.76 22.98
C ALA C 119 -3.78 8.66 22.00
N GLY C 120 -3.19 9.81 21.65
CA GLY C 120 -2.11 9.82 20.67
C GLY C 120 -1.61 11.22 20.60
N LEU C 121 -0.37 11.33 20.14
CA LEU C 121 0.29 12.64 20.03
C LEU C 121 1.39 12.65 18.97
N ALA C 122 1.76 13.87 18.53
CA ALA C 122 2.97 14.01 17.72
C ALA C 122 3.87 15.02 18.38
N ARG C 123 5.14 14.67 18.52
CA ARG C 123 6.13 15.63 18.93
C ARG C 123 6.99 15.99 17.69
N PRO C 124 7.48 17.24 17.61
CA PRO C 124 8.17 17.74 16.40
C PRO C 124 9.65 17.33 16.30
N ASP C 125 9.93 16.02 16.45
CA ASP C 125 11.29 15.51 16.49
C ASP C 125 11.56 14.83 15.15
N THR C 126 12.26 15.58 14.31
CA THR C 126 12.50 15.11 12.94
C THR C 126 13.46 13.91 12.96
N LEU C 127 13.56 13.20 11.84
CA LEU C 127 14.43 12.03 11.81
C LEU C 127 15.91 12.45 11.80
N LEU C 128 16.20 13.62 11.23
CA LEU C 128 17.59 14.07 11.13
C LEU C 128 18.15 14.75 12.37
N SER C 129 17.29 15.38 13.17
CA SER C 129 17.78 16.07 14.37
C SER C 129 16.90 15.97 15.61
N GLY C 130 15.89 15.10 15.60
CA GLY C 130 14.90 14.99 16.68
C GLY C 130 15.46 14.46 17.99
N SER C 131 14.81 14.78 19.11
CA SER C 131 15.19 14.22 20.41
C SER C 131 14.57 12.80 20.55
N THR C 132 15.41 11.92 21.08
CA THR C 132 14.95 10.57 21.38
C THR C 132 13.76 10.55 22.37
N SER C 133 13.76 11.43 23.37
CA SER C 133 12.62 11.46 24.30
C SER C 133 11.27 11.70 23.58
N GLY C 134 11.28 12.55 22.54
CA GLY C 134 10.04 12.78 21.77
C GLY C 134 9.59 11.51 21.02
N TRP C 135 10.56 10.82 20.42
CA TRP C 135 10.26 9.54 19.75
C TRP C 135 9.69 8.51 20.73
N LYS C 136 10.33 8.41 21.90
CA LYS C 136 9.84 7.45 22.92
C LYS C 136 8.44 7.85 23.40
N ASP C 137 8.20 9.15 23.59
CA ASP C 137 6.85 9.57 24.02
C ASP C 137 5.80 9.16 22.99
N MET C 138 6.08 9.42 21.71
CA MET C 138 5.14 9.03 20.65
C MET C 138 4.91 7.52 20.67
N PHE C 139 6.00 6.74 20.76
CA PHE C 139 5.79 5.27 20.82
C PHE C 139 4.98 4.85 22.03
N ASN C 140 5.34 5.40 23.19
CA ASN C 140 4.75 4.97 24.46
C ASN C 140 3.23 5.11 24.45
N VAL C 141 2.73 6.21 23.87
CA VAL C 141 1.27 6.38 23.81
C VAL C 141 0.66 5.78 22.56
N ASN C 142 1.25 6.11 21.39
CA ASN C 142 0.56 5.78 20.13
C ASN C 142 0.57 4.28 19.81
N VAL C 143 1.57 3.57 20.30
CA VAL C 143 1.75 2.16 19.92
C VAL C 143 1.74 1.29 21.16
N LEU C 144 2.55 1.62 22.15
CA LEU C 144 2.66 0.73 23.33
C LEU C 144 1.39 0.74 24.16
N ALA C 145 0.89 1.93 24.53
CA ALA C 145 -0.32 2.00 25.35
C ALA C 145 -1.49 1.38 24.57
N LEU C 146 -1.56 1.65 23.25
CA LEU C 146 -2.60 1.11 22.41
C LEU C 146 -2.55 -0.43 22.46
N SER C 147 -1.33 -0.99 22.44
CA SER C 147 -1.18 -2.47 22.47
C SER C 147 -1.51 -3.05 23.85
N ILE C 148 -1.10 -2.33 24.90
CA ILE C 148 -1.41 -2.79 26.26
C ILE C 148 -2.93 -2.81 26.49
N CYS C 149 -3.61 -1.73 26.16
CA CYS C 149 -5.05 -1.64 26.32
C CYS C 149 -5.76 -2.68 25.46
N THR C 150 -5.27 -2.90 24.24
CA THR C 150 -5.85 -3.98 23.38
C THR C 150 -5.79 -5.35 24.07
N ARG C 151 -4.61 -5.70 24.56
CA ARG C 151 -4.41 -6.99 25.21
C ARG C 151 -5.31 -7.15 26.45
N GLU C 152 -5.33 -6.11 27.29
CA GLU C 152 -6.10 -6.21 28.56
C GLU C 152 -7.61 -6.24 28.28
N ALA C 153 -8.02 -5.48 27.26
CA ALA C 153 -9.44 -5.49 26.84
C ALA C 153 -9.80 -6.87 26.31
N TYR C 154 -8.98 -7.41 25.40
CA TYR C 154 -9.21 -8.80 24.97
C TYR C 154 -9.28 -9.80 26.17
N GLN C 155 -8.34 -9.69 27.11
CA GLN C 155 -8.30 -10.64 28.20
C GLN C 155 -9.56 -10.49 29.09
N SER C 156 -10.03 -9.24 29.18
CA SER C 156 -11.27 -8.96 29.93
C SER C 156 -12.45 -9.66 29.25
N MET C 157 -12.54 -9.55 27.92
CA MET C 157 -13.59 -10.26 27.18
C MET C 157 -13.49 -11.77 27.33
N LYS C 158 -12.27 -12.28 27.21
CA LYS C 158 -12.04 -13.69 27.26
C LYS C 158 -12.52 -14.26 28.59
N GLU C 159 -12.17 -13.59 29.68
CA GLU C 159 -12.52 -14.13 31.01
C GLU C 159 -14.04 -14.12 31.28
N ARG C 160 -14.74 -13.21 30.58
CA ARG C 160 -16.18 -13.14 30.71
C ARG C 160 -16.95 -13.87 29.60
N ASN C 161 -16.24 -14.61 28.76
CA ASN C 161 -16.84 -15.30 27.61
C ASN C 161 -17.62 -14.36 26.70
N VAL C 162 -17.09 -13.17 26.54
CA VAL C 162 -17.64 -12.21 25.59
C VAL C 162 -17.09 -12.50 24.18
N ASP C 163 -17.97 -12.81 23.24
CA ASP C 163 -17.52 -13.21 21.89
C ASP C 163 -17.76 -12.15 20.81
N ASP C 164 -18.34 -11.01 21.20
CA ASP C 164 -18.78 -9.97 20.24
C ASP C 164 -18.27 -8.57 20.59
N GLY C 165 -17.18 -8.45 21.36
CA GLY C 165 -16.63 -7.11 21.62
C GLY C 165 -16.06 -6.42 20.39
N HIS C 166 -15.58 -5.21 20.58
CA HIS C 166 -15.02 -4.40 19.50
C HIS C 166 -13.86 -3.56 19.99
N ILE C 167 -12.73 -3.68 19.28
CA ILE C 167 -11.55 -2.85 19.54
C ILE C 167 -11.42 -1.93 18.32
N ILE C 168 -11.37 -0.63 18.59
CA ILE C 168 -11.25 0.38 17.50
C ILE C 168 -10.04 1.24 17.78
N ASN C 169 -9.10 1.23 16.82
CA ASN C 169 -7.93 2.06 16.94
C ASN C 169 -8.07 3.33 16.15
N ILE C 170 -7.75 4.46 16.78
CA ILE C 170 -7.75 5.72 16.00
C ILE C 170 -6.36 5.85 15.33
N ASN C 171 -6.37 5.60 14.05
CA ASN C 171 -5.21 5.66 13.18
C ASN C 171 -5.12 7.08 12.62
N SER C 172 -4.72 7.21 11.37
CA SER C 172 -4.57 8.50 10.69
C SER C 172 -4.30 8.22 9.22
N MET C 173 -4.61 9.16 8.33
CA MET C 173 -4.13 8.99 6.97
C MET C 173 -2.59 8.88 6.95
N SER C 174 -1.92 9.49 7.95
CA SER C 174 -0.48 9.35 8.08
C SER C 174 -0.03 7.93 8.44
N GLY C 175 -0.98 7.03 8.74
CA GLY C 175 -0.63 5.59 8.85
C GLY C 175 -0.65 4.84 7.50
N HIS C 176 -0.89 5.59 6.42
CA HIS C 176 -1.01 5.02 5.08
C HIS C 176 -0.15 5.67 4.03
N ARG C 177 0.38 6.86 4.29
CA ARG C 177 1.28 7.55 3.36
C ARG C 177 2.14 8.48 4.26
N VAL C 178 3.40 8.70 3.85
CA VAL C 178 4.35 9.57 4.57
C VAL C 178 4.36 10.90 3.86
N LEU C 179 3.80 11.90 4.51
CA LEU C 179 3.84 13.27 3.98
C LEU C 179 5.19 13.96 4.24
N PRO C 180 5.66 14.83 3.30
CA PRO C 180 6.95 15.54 3.44
C PRO C 180 6.87 16.70 4.46
N LEU C 181 6.44 16.37 5.66
CA LEU C 181 6.48 17.33 6.76
C LEU C 181 7.42 16.70 7.79
N SER C 182 8.61 17.25 7.94
CA SER C 182 9.58 16.52 8.75
C SER C 182 9.17 16.32 10.22
N VAL C 183 8.50 17.33 10.79
CA VAL C 183 8.02 17.23 12.18
C VAL C 183 7.02 16.14 12.47
N THR C 184 6.45 15.52 11.43
CA THR C 184 5.53 14.38 11.65
C THR C 184 6.03 13.04 11.08
N HIS C 185 7.30 12.99 10.66
CA HIS C 185 7.81 11.71 10.13
C HIS C 185 7.76 10.60 11.15
N PHE C 186 8.20 10.88 12.37
CA PHE C 186 8.23 9.76 13.33
C PHE C 186 6.83 9.38 13.75
N TYR C 187 5.99 10.40 13.98
CA TYR C 187 4.55 10.14 14.25
C TYR C 187 3.95 9.27 13.13
N SER C 188 4.26 9.58 11.87
CA SER C 188 3.70 8.77 10.75
CA SER C 188 3.71 8.81 10.75
C SER C 188 4.14 7.34 10.88
N ALA C 189 5.40 7.12 11.26
CA ALA C 189 5.86 5.74 11.45
C ALA C 189 5.11 5.05 12.57
N THR C 190 4.74 5.76 13.63
CA THR C 190 3.95 5.13 14.70
C THR C 190 2.57 4.73 14.20
N LYS C 191 1.99 5.56 13.32
CA LYS C 191 0.70 5.24 12.71
C LYS C 191 0.79 4.11 11.69
N TYR C 192 1.89 3.99 10.95
CA TYR C 192 2.10 2.76 10.12
C TYR C 192 2.08 1.53 11.03
N ALA C 193 2.70 1.60 12.19
CA ALA C 193 2.63 0.48 13.14
C ALA C 193 1.17 0.18 13.53
N VAL C 194 0.37 1.23 13.77
CA VAL C 194 -1.05 1.00 14.08
C VAL C 194 -1.81 0.30 12.94
N THR C 195 -1.56 0.70 11.69
CA THR C 195 -2.13 0.01 10.54
C THR C 195 -1.84 -1.50 10.64
N ALA C 196 -0.58 -1.84 10.88
CA ALA C 196 -0.19 -3.24 10.87
C ALA C 196 -0.77 -3.98 12.10
N LEU C 197 -0.77 -3.29 13.26
CA LEU C 197 -1.26 -3.90 14.50
C LEU C 197 -2.74 -4.23 14.34
N THR C 198 -3.49 -3.33 13.69
CA THR C 198 -4.94 -3.54 13.62
C THR C 198 -5.24 -4.78 12.75
N GLU C 199 -4.46 -4.92 11.69
CA GLU C 199 -4.62 -6.04 10.82
C GLU C 199 -4.17 -7.35 11.51
N GLY C 200 -3.04 -7.28 12.24
CA GLY C 200 -2.60 -8.46 13.02
C GLY C 200 -3.62 -8.81 14.09
N LEU C 201 -4.23 -7.79 14.68
CA LEU C 201 -5.27 -8.05 15.70
C LEU C 201 -6.46 -8.79 15.14
N ARG C 202 -6.95 -8.33 14.00
CA ARG C 202 -7.98 -9.10 13.27
C ARG C 202 -7.59 -10.57 13.11
N GLN C 203 -6.37 -10.82 12.62
CA GLN C 203 -5.97 -12.20 12.36
C GLN C 203 -5.91 -13.01 13.65
N GLU C 204 -5.46 -12.39 14.76
CA GLU C 204 -5.42 -13.15 16.04
C GLU C 204 -6.82 -13.45 16.60
N LEU C 205 -7.73 -12.49 16.47
CA LEU C 205 -9.12 -12.70 16.94
C LEU C 205 -9.80 -13.77 16.14
N ARG C 206 -9.43 -13.89 14.88
CA ARG C 206 -9.93 -14.95 14.00
C ARG C 206 -9.38 -16.30 14.42
N GLU C 207 -8.08 -16.36 14.67
CA GLU C 207 -7.43 -17.59 15.11
C GLU C 207 -7.95 -18.09 16.46
N ALA C 208 -8.34 -17.14 17.33
CA ALA C 208 -8.87 -17.44 18.66
C ALA C 208 -10.32 -17.93 18.55
N GLN C 209 -10.82 -18.04 17.32
CA GLN C 209 -12.20 -18.48 17.07
C GLN C 209 -13.24 -17.61 17.80
N THR C 210 -13.07 -16.28 17.70
CA THR C 210 -14.02 -15.33 18.28
C THR C 210 -14.69 -14.47 17.20
N HIS C 211 -15.76 -13.80 17.59
CA HIS C 211 -16.39 -12.76 16.75
C HIS C 211 -16.10 -11.36 17.27
N ILE C 212 -15.02 -11.22 18.02
CA ILE C 212 -14.58 -9.91 18.47
C ILE C 212 -14.01 -9.16 17.25
N ARG C 213 -14.46 -7.92 17.09
CA ARG C 213 -14.14 -7.11 15.90
C ARG C 213 -12.96 -6.17 16.14
N ALA C 214 -12.20 -5.93 15.09
CA ALA C 214 -11.09 -5.00 15.14
C ALA C 214 -11.17 -4.03 13.97
N THR C 215 -11.06 -2.75 14.27
CA THR C 215 -11.23 -1.71 13.25
C THR C 215 -10.28 -0.57 13.47
N CYS C 216 -9.81 0.07 12.39
CA CYS C 216 -9.27 1.40 12.64
CA CYS C 216 -9.18 1.40 12.46
C CYS C 216 -10.06 2.48 11.87
N ILE C 217 -9.94 3.70 12.40
CA ILE C 217 -10.48 4.88 11.74
C ILE C 217 -9.28 5.74 11.41
N SER C 218 -9.16 6.16 10.14
CA SER C 218 -7.94 6.85 9.65
C SER C 218 -8.28 8.25 9.14
N PRO C 219 -8.34 9.25 10.05
CA PRO C 219 -8.70 10.60 9.59
C PRO C 219 -7.52 11.42 9.04
N GLY C 220 -7.81 12.39 8.16
CA GLY C 220 -6.89 13.48 7.82
C GLY C 220 -7.05 14.50 8.94
N VAL C 221 -6.80 15.75 8.63
CA VAL C 221 -6.72 16.78 9.67
C VAL C 221 -8.06 16.96 10.38
N VAL C 222 -8.01 16.90 11.71
CA VAL C 222 -9.16 17.12 12.59
C VAL C 222 -8.80 18.31 13.48
N GLU C 223 -9.76 19.23 13.61
CA GLU C 223 -9.58 20.45 14.43
C GLU C 223 -9.65 20.09 15.93
N THR C 224 -8.49 19.90 16.56
CA THR C 224 -8.45 19.58 18.02
C THR C 224 -7.27 20.38 18.64
N GLN C 225 -6.74 19.93 19.79
CA GLN C 225 -5.49 20.54 20.36
C GLN C 225 -4.25 19.92 19.77
N PHE C 226 -4.42 18.87 18.98
CA PHE C 226 -3.30 18.11 18.43
C PHE C 226 -2.24 19.01 17.79
N ALA C 227 -2.62 19.89 16.86
CA ALA C 227 -1.64 20.69 16.16
C ALA C 227 -0.99 21.71 17.10
N PHE C 228 -1.78 22.19 18.06
CA PHE C 228 -1.25 23.15 19.04
C PHE C 228 -0.13 22.54 19.89
N LYS C 229 -0.26 21.26 20.22
CA LYS C 229 0.74 20.55 20.99
C LYS C 229 1.95 20.21 20.13
N LEU C 230 1.72 19.72 18.90
CA LEU C 230 2.83 19.47 17.97
C LEU C 230 3.65 20.74 17.73
N HIS C 231 2.94 21.84 17.53
CA HIS C 231 3.58 23.12 17.22
C HIS C 231 3.56 24.00 18.47
N ASP C 232 4.09 23.47 19.58
CA ASP C 232 3.98 24.13 20.88
C ASP C 232 4.76 25.43 20.92
N LYS C 233 5.81 25.52 20.09
CA LYS C 233 6.63 26.74 20.02
C LYS C 233 6.20 27.70 18.88
N ASP C 234 5.22 27.29 18.08
CA ASP C 234 4.71 28.14 16.98
C ASP C 234 3.20 27.95 16.82
N PRO C 235 2.41 28.45 17.79
CA PRO C 235 0.95 28.24 17.76
C PRO C 235 0.25 28.85 16.54
N GLU C 236 0.93 29.80 15.87
CA GLU C 236 0.49 30.36 14.58
C GLU C 236 0.40 29.27 13.48
N LYS C 237 1.42 28.41 13.40
CA LYS C 237 1.43 27.24 12.52
C LYS C 237 0.21 26.30 12.76
N ALA C 238 -0.17 26.15 14.04
CA ALA C 238 -1.32 25.32 14.43
C ALA C 238 -2.65 25.95 14.00
N ALA C 239 -2.78 27.26 14.18
CA ALA C 239 -3.96 27.97 13.72
C ALA C 239 -4.08 27.99 12.19
N ALA C 240 -2.95 28.08 11.49
CA ALA C 240 -2.94 28.10 10.01
C ALA C 240 -3.55 26.79 9.47
N THR C 241 -3.12 25.66 10.05
CA THR C 241 -3.69 24.34 9.77
C THR C 241 -5.22 24.39 9.72
N TYR C 242 -5.83 24.90 10.79
CA TYR C 242 -7.26 24.79 10.97
C TYR C 242 -8.06 25.91 10.28
N GLU C 243 -7.34 26.91 9.76
CA GLU C 243 -7.98 28.07 9.11
C GLU C 243 -7.90 28.03 7.58
N GLN C 244 -6.89 27.34 7.04
CA GLN C 244 -6.70 27.18 5.60
C GLN C 244 -7.90 26.51 4.94
N MET C 245 -8.56 25.61 5.69
CA MET C 245 -9.70 24.88 5.15
C MET C 245 -10.67 24.40 6.23
N LYS C 246 -11.86 23.97 5.81
CA LYS C 246 -12.81 23.41 6.74
C LYS C 246 -12.38 21.97 7.07
N CYS C 247 -11.61 21.84 8.16
CA CYS C 247 -11.12 20.54 8.58
C CYS C 247 -12.23 19.64 9.11
N LEU C 248 -11.88 18.36 9.35
CA LEU C 248 -12.78 17.44 10.07
C LEU C 248 -12.93 17.98 11.52
N LYS C 249 -14.06 17.69 12.13
CA LYS C 249 -14.31 18.03 13.52
C LYS C 249 -14.31 16.73 14.34
N PRO C 250 -14.01 16.83 15.64
CA PRO C 250 -14.03 15.60 16.46
C PRO C 250 -15.34 14.79 16.37
N GLU C 251 -16.46 15.51 16.31
CA GLU C 251 -17.78 14.86 16.17
C GLU C 251 -17.88 14.02 14.88
N ASP C 252 -17.13 14.37 13.83
CA ASP C 252 -17.20 13.61 12.57
C ASP C 252 -16.52 12.27 12.79
N VAL C 253 -15.39 12.26 13.51
CA VAL C 253 -14.75 10.99 13.82
C VAL C 253 -15.63 10.14 14.78
N ALA C 254 -16.30 10.82 15.74
CA ALA C 254 -17.19 10.07 16.62
C ALA C 254 -18.32 9.45 15.80
N GLU C 255 -18.80 10.16 14.78
CA GLU C 255 -19.89 9.58 13.99
C GLU C 255 -19.40 8.33 13.23
N ALA C 256 -18.14 8.36 12.76
CA ALA C 256 -17.55 7.15 12.14
C ALA C 256 -17.52 5.99 13.15
N VAL C 257 -17.11 6.25 14.39
CA VAL C 257 -17.13 5.22 15.43
C VAL C 257 -18.55 4.68 15.65
N ILE C 258 -19.55 5.56 15.73
CA ILE C 258 -20.93 5.08 15.85
C ILE C 258 -21.35 4.19 14.66
N TYR C 259 -21.02 4.60 13.45
CA TYR C 259 -21.33 3.74 12.32
C TYR C 259 -20.71 2.33 12.50
N VAL C 260 -19.43 2.29 12.83
CA VAL C 260 -18.69 1.03 12.96
C VAL C 260 -19.35 0.18 14.03
N LEU C 261 -19.63 0.77 15.17
CA LEU C 261 -20.29 -0.02 16.24
C LEU C 261 -21.72 -0.49 15.89
N SER C 262 -22.47 0.35 15.16
CA SER C 262 -23.85 0.07 14.83
C SER C 262 -24.00 -1.03 13.77
N THR C 263 -22.91 -1.34 13.06
CA THR C 263 -23.00 -2.39 12.03
C THR C 263 -23.36 -3.70 12.71
N PRO C 264 -24.26 -4.49 12.10
CA PRO C 264 -24.57 -5.81 12.65
C PRO C 264 -23.29 -6.64 12.87
N ALA C 265 -23.39 -7.61 13.78
CA ALA C 265 -22.22 -8.29 14.29
C ALA C 265 -21.43 -9.04 13.25
N HIS C 266 -22.09 -9.46 12.14
CA HIS C 266 -21.39 -10.24 11.08
C HIS C 266 -20.54 -9.35 10.14
N ILE C 267 -20.63 -8.04 10.34
CA ILE C 267 -19.85 -7.11 9.56
C ILE C 267 -18.65 -6.61 10.36
N GLN C 268 -17.49 -6.67 9.73
CA GLN C 268 -16.29 -6.21 10.37
C GLN C 268 -15.63 -5.11 9.53
N ILE C 269 -15.92 -3.86 9.89
CA ILE C 269 -15.26 -2.74 9.22
C ILE C 269 -13.74 -2.79 9.55
N GLY C 270 -12.90 -2.82 8.55
CA GLY C 270 -11.46 -2.85 8.77
C GLY C 270 -10.82 -1.47 8.91
N ASP C 271 -11.26 -0.53 8.05
CA ASP C 271 -10.71 0.81 8.06
C ASP C 271 -11.73 1.74 7.44
N ILE C 272 -11.81 2.93 8.01
CA ILE C 272 -12.50 4.06 7.35
C ILE C 272 -11.48 5.16 7.21
N GLN C 273 -11.11 5.46 5.96
CA GLN C 273 -10.20 6.55 5.65
C GLN C 273 -11.11 7.73 5.36
N MET C 274 -10.84 8.84 6.01
CA MET C 274 -11.66 10.02 5.80
C MET C 274 -10.79 11.30 5.83
N ARG C 275 -11.13 12.28 5.00
CA ARG C 275 -10.36 13.53 4.93
C ARG C 275 -11.36 14.66 4.86
N PRO C 276 -10.90 15.90 5.16
CA PRO C 276 -11.77 17.06 4.81
C PRO C 276 -12.02 17.11 3.30
N THR C 277 -13.24 17.44 2.86
CA THR C 277 -13.51 17.61 1.42
C THR C 277 -12.66 18.69 0.81
N GLY C 278 -12.09 18.37 -0.36
CA GLY C 278 -11.26 19.26 -1.13
C GLY C 278 -9.85 19.44 -0.61
N SER C 279 -9.47 18.64 0.41
CA SER C 279 -8.15 18.76 1.03
C SER C 279 -7.05 18.13 0.19
N ALA D 23 -36.71 10.04 6.51
CA ALA D 23 -35.40 9.58 6.00
C ALA D 23 -34.31 9.63 7.10
N ARG D 24 -33.28 8.81 6.90
CA ARG D 24 -32.09 8.80 7.75
C ARG D 24 -31.50 10.22 7.86
N PRO D 25 -31.10 10.61 9.10
CA PRO D 25 -30.39 11.87 9.32
C PRO D 25 -29.20 12.01 8.40
N GLY D 26 -29.21 13.08 7.61
CA GLY D 26 -28.12 13.39 6.70
C GLY D 26 -28.53 13.09 5.28
N MET D 27 -29.62 12.35 5.09
CA MET D 27 -30.05 12.03 3.71
C MET D 27 -31.03 13.08 3.17
N GLU D 28 -31.54 13.96 4.04
CA GLU D 28 -32.51 14.99 3.62
C GLU D 28 -32.01 15.82 2.44
N ARG D 29 -30.72 16.19 2.45
CA ARG D 29 -30.20 17.07 1.43
C ARG D 29 -30.12 16.41 0.04
N TRP D 30 -30.28 15.10 -0.02
CA TRP D 30 -30.25 14.38 -1.28
C TRP D 30 -31.66 14.09 -1.84
N ARG D 31 -32.68 14.46 -1.07
CA ARG D 31 -34.06 14.24 -1.49
C ARG D 31 -34.32 14.74 -2.92
N ASP D 32 -34.92 13.90 -3.74
CA ASP D 32 -35.29 14.26 -5.11
C ASP D 32 -34.12 14.53 -6.05
N ARG D 33 -32.86 14.50 -5.56
CA ARG D 33 -31.67 14.62 -6.41
C ARG D 33 -31.48 13.26 -7.06
N LEU D 34 -30.81 13.24 -8.21
CA LEU D 34 -30.76 12.04 -9.06
CA LEU D 34 -30.77 12.03 -9.04
C LEU D 34 -29.46 11.26 -8.83
N ALA D 35 -29.60 9.96 -8.60
CA ALA D 35 -28.48 9.04 -8.48
C ALA D 35 -28.52 8.09 -9.66
N LEU D 36 -27.34 7.75 -10.14
CA LEU D 36 -27.17 6.68 -11.09
C LEU D 36 -26.57 5.48 -10.35
N VAL D 37 -27.18 4.30 -10.54
CA VAL D 37 -26.58 3.10 -9.97
C VAL D 37 -26.36 2.14 -11.13
N THR D 38 -25.09 1.88 -11.44
CA THR D 38 -24.81 0.93 -12.53
C THR D 38 -24.85 -0.50 -11.97
N GLY D 39 -25.22 -1.45 -12.83
CA GLY D 39 -25.46 -2.84 -12.38
C GLY D 39 -26.53 -2.94 -11.30
N ALA D 40 -27.67 -2.34 -11.57
CA ALA D 40 -28.81 -2.38 -10.65
C ALA D 40 -29.77 -3.55 -10.78
N SER D 41 -29.44 -4.50 -11.66
CA SER D 41 -30.33 -5.65 -11.92
C SER D 41 -30.16 -6.77 -10.90
N GLY D 42 -29.22 -6.63 -9.97
CA GLY D 42 -29.09 -7.65 -8.93
C GLY D 42 -27.97 -7.30 -7.96
N GLY D 43 -27.80 -8.17 -6.96
CA GLY D 43 -26.61 -8.04 -6.10
C GLY D 43 -26.52 -6.73 -5.34
N ILE D 44 -25.28 -6.24 -5.26
CA ILE D 44 -25.01 -4.99 -4.53
C ILE D 44 -25.79 -3.80 -5.14
N GLY D 45 -25.76 -3.73 -6.47
CA GLY D 45 -26.35 -2.57 -7.16
C GLY D 45 -27.86 -2.49 -6.91
N ALA D 46 -28.55 -3.65 -6.93
CA ALA D 46 -29.98 -3.64 -6.66
C ALA D 46 -30.22 -3.21 -5.20
N ALA D 47 -29.39 -3.70 -4.27
CA ALA D 47 -29.56 -3.27 -2.88
C ALA D 47 -29.31 -1.77 -2.67
N VAL D 48 -28.31 -1.20 -3.35
CA VAL D 48 -28.00 0.21 -3.26
C VAL D 48 -29.16 1.00 -3.86
N ALA D 49 -29.64 0.59 -5.04
CA ALA D 49 -30.77 1.30 -5.64
C ALA D 49 -32.00 1.30 -4.72
N ARG D 50 -32.34 0.12 -4.19
CA ARG D 50 -33.45 0.00 -3.26
CA ARG D 50 -33.48 0.05 -3.27
C ARG D 50 -33.25 0.99 -2.08
N ALA D 51 -32.02 1.01 -1.54
CA ALA D 51 -31.77 1.86 -0.36
C ALA D 51 -31.90 3.37 -0.68
N LEU D 52 -31.43 3.77 -1.87
CA LEU D 52 -31.54 5.19 -2.26
C LEU D 52 -33.01 5.57 -2.47
N VAL D 53 -33.77 4.67 -3.08
CA VAL D 53 -35.19 4.95 -3.30
C VAL D 53 -35.93 5.02 -1.94
N GLN D 54 -35.61 4.11 -1.02
CA GLN D 54 -36.18 4.14 0.35
C GLN D 54 -35.91 5.52 0.98
N GLN D 55 -34.74 6.08 0.66
CA GLN D 55 -34.28 7.39 1.23
C GLN D 55 -34.77 8.63 0.47
N GLY D 56 -35.61 8.43 -0.56
CA GLY D 56 -36.27 9.55 -1.27
C GLY D 56 -35.55 10.09 -2.50
N LEU D 57 -34.57 9.37 -3.00
CA LEU D 57 -33.88 9.81 -4.22
C LEU D 57 -34.60 9.32 -5.47
N LYS D 58 -34.38 10.04 -6.57
CA LYS D 58 -34.70 9.56 -7.89
C LYS D 58 -33.48 8.75 -8.30
N VAL D 59 -33.67 7.50 -8.68
CA VAL D 59 -32.55 6.64 -9.04
C VAL D 59 -32.70 6.15 -10.47
N VAL D 60 -31.69 6.43 -11.31
CA VAL D 60 -31.59 5.72 -12.60
C VAL D 60 -30.79 4.47 -12.35
N GLY D 61 -31.44 3.31 -12.49
CA GLY D 61 -30.63 2.09 -12.36
C GLY D 61 -30.48 1.42 -13.71
N CYS D 62 -29.25 1.00 -14.03
CA CYS D 62 -29.01 0.50 -15.38
C CYS D 62 -28.23 -0.80 -15.29
N ALA D 63 -28.45 -1.59 -16.34
CA ALA D 63 -27.80 -2.88 -16.53
C ALA D 63 -28.32 -3.41 -17.86
N ARG D 64 -27.82 -4.57 -18.24
CA ARG D 64 -28.40 -5.31 -19.39
C ARG D 64 -29.78 -5.90 -19.12
N THR D 65 -29.91 -6.47 -17.93
CA THR D 65 -31.11 -7.23 -17.63
C THR D 65 -32.09 -6.23 -17.06
N VAL D 66 -32.58 -5.34 -17.94
CA VAL D 66 -33.47 -4.25 -17.55
C VAL D 66 -34.76 -4.74 -16.86
N GLY D 67 -35.27 -5.93 -17.23
CA GLY D 67 -36.53 -6.50 -16.66
C GLY D 67 -36.41 -6.61 -15.13
N ASN D 68 -35.22 -6.96 -14.63
CA ASN D 68 -35.04 -7.04 -13.17
C ASN D 68 -35.15 -5.70 -12.47
N ILE D 69 -34.63 -4.66 -13.13
CA ILE D 69 -34.74 -3.31 -12.63
C ILE D 69 -36.19 -2.81 -12.62
N GLU D 70 -36.92 -3.08 -13.71
CA GLU D 70 -38.35 -2.78 -13.75
CA GLU D 70 -38.35 -2.78 -13.74
C GLU D 70 -39.09 -3.52 -12.62
N GLU D 71 -38.71 -4.77 -12.39
CA GLU D 71 -39.33 -5.55 -11.32
C GLU D 71 -39.06 -4.89 -9.96
N LEU D 72 -37.81 -4.51 -9.69
CA LEU D 72 -37.45 -3.82 -8.47
C LEU D 72 -38.22 -2.51 -8.31
N ALA D 73 -38.39 -1.77 -9.42
CA ALA D 73 -39.08 -0.47 -9.35
C ALA D 73 -40.52 -0.71 -8.95
N ALA D 74 -41.16 -1.74 -9.53
CA ALA D 74 -42.54 -2.11 -9.17
C ALA D 74 -42.63 -2.48 -7.68
N GLU D 75 -41.64 -3.19 -7.17
CA GLU D 75 -41.62 -3.49 -5.72
C GLU D 75 -41.50 -2.25 -4.83
N CYS D 76 -40.58 -1.34 -5.19
CA CYS D 76 -40.45 -0.05 -4.53
C CYS D 76 -41.78 0.74 -4.52
N LYS D 77 -42.48 0.76 -5.66
CA LYS D 77 -43.75 1.46 -5.75
C LYS D 77 -44.78 0.81 -4.84
N SER D 78 -44.89 -0.52 -4.89
CA SER D 78 -45.84 -1.26 -4.02
C SER D 78 -45.55 -1.03 -2.54
N ALA D 79 -44.28 -0.94 -2.19
CA ALA D 79 -43.83 -0.72 -0.81
C ALA D 79 -44.13 0.70 -0.31
N GLY D 80 -44.45 1.61 -1.24
CA GLY D 80 -44.71 3.01 -0.90
C GLY D 80 -43.49 3.87 -0.61
N TYR D 81 -42.32 3.52 -1.14
CA TYR D 81 -41.13 4.31 -0.87
C TYR D 81 -41.25 5.74 -1.44
N PRO D 82 -40.63 6.73 -0.75
CA PRO D 82 -40.73 8.12 -1.24
C PRO D 82 -39.98 8.40 -2.57
N GLY D 83 -38.91 7.67 -2.84
CA GLY D 83 -38.13 7.84 -4.06
C GLY D 83 -38.73 7.13 -5.25
N THR D 84 -38.01 7.13 -6.38
CA THR D 84 -38.50 6.52 -7.62
C THR D 84 -37.33 5.79 -8.29
N LEU D 85 -37.52 4.52 -8.66
CA LEU D 85 -36.49 3.81 -9.43
C LEU D 85 -36.87 3.87 -10.92
N ILE D 86 -35.94 4.37 -11.74
CA ILE D 86 -36.15 4.52 -13.17
C ILE D 86 -35.21 3.56 -13.90
N PRO D 87 -35.76 2.49 -14.48
CA PRO D 87 -34.91 1.53 -15.17
C PRO D 87 -34.35 2.05 -16.49
N TYR D 88 -33.12 1.65 -16.79
CA TYR D 88 -32.53 2.05 -18.05
C TYR D 88 -31.64 0.90 -18.56
N ARG D 89 -31.94 0.39 -19.76
CA ARG D 89 -31.09 -0.65 -20.34
C ARG D 89 -29.76 -0.06 -20.85
N CYS D 90 -28.65 -0.60 -20.36
CA CYS D 90 -27.36 -0.09 -20.78
C CYS D 90 -26.32 -1.21 -20.65
N ASP D 91 -25.66 -1.54 -21.76
CA ASP D 91 -24.54 -2.47 -21.71
C ASP D 91 -23.27 -1.66 -21.52
N LEU D 92 -22.70 -1.73 -20.34
CA LEU D 92 -21.53 -0.93 -20.01
C LEU D 92 -20.26 -1.29 -20.82
N SER D 93 -20.28 -2.43 -21.51
CA SER D 93 -19.13 -2.79 -22.39
C SER D 93 -19.19 -2.00 -23.71
N ASN D 94 -20.29 -1.26 -23.92
CA ASN D 94 -20.54 -0.50 -25.15
C ASN D 94 -20.48 0.98 -24.84
N GLU D 95 -19.37 1.66 -25.20
CA GLU D 95 -19.21 3.08 -24.88
C GLU D 95 -20.41 3.90 -25.36
N GLU D 96 -20.89 3.64 -26.58
CA GLU D 96 -22.03 4.44 -27.07
C GLU D 96 -23.27 4.27 -26.21
N ASP D 97 -23.45 3.07 -25.65
CA ASP D 97 -24.60 2.83 -24.77
C ASP D 97 -24.55 3.76 -23.56
N ILE D 98 -23.36 3.91 -23.00
CA ILE D 98 -23.19 4.77 -21.83
C ILE D 98 -23.40 6.22 -22.24
N LEU D 99 -22.78 6.63 -23.34
CA LEU D 99 -22.93 8.04 -23.76
C LEU D 99 -24.39 8.36 -24.03
N SER D 100 -25.10 7.43 -24.70
CA SER D 100 -26.52 7.61 -24.97
C SER D 100 -27.36 7.79 -23.70
N MET D 101 -27.06 7.02 -22.66
CA MET D 101 -27.77 7.11 -21.39
C MET D 101 -27.58 8.50 -20.78
N PHE D 102 -26.33 8.95 -20.75
CA PHE D 102 -26.06 10.30 -20.18
C PHE D 102 -26.68 11.40 -21.03
N SER D 103 -26.64 11.23 -22.35
CA SER D 103 -27.31 12.16 -23.28
CA SER D 103 -27.30 12.18 -23.26
C SER D 103 -28.82 12.20 -23.04
N ALA D 104 -29.41 11.04 -22.81
CA ALA D 104 -30.86 10.97 -22.57
C ALA D 104 -31.22 11.76 -21.29
N ILE D 105 -30.41 11.62 -20.25
CA ILE D 105 -30.57 12.36 -18.98
C ILE D 105 -30.42 13.86 -19.21
N ARG D 106 -29.41 14.25 -19.97
CA ARG D 106 -29.16 15.67 -20.27
C ARG D 106 -30.29 16.29 -21.11
N SER D 107 -30.72 15.57 -22.14
CA SER D 107 -31.80 16.03 -23.06
C SER D 107 -33.08 16.28 -22.32
N GLN D 108 -33.25 15.56 -21.21
CA GLN D 108 -34.43 15.65 -20.38
C GLN D 108 -34.30 16.71 -19.28
N HIS D 109 -33.28 17.57 -19.43
CA HIS D 109 -32.94 18.65 -18.49
C HIS D 109 -32.70 18.18 -17.06
N SER D 110 -32.03 17.04 -16.93
CA SER D 110 -31.73 16.48 -15.63
C SER D 110 -30.22 16.25 -15.58
N GLY D 111 -29.76 15.63 -14.52
CA GLY D 111 -28.35 15.30 -14.41
C GLY D 111 -28.11 14.44 -13.18
N VAL D 112 -27.00 13.74 -13.18
CA VAL D 112 -26.66 12.80 -12.13
C VAL D 112 -25.87 13.54 -11.05
N ASP D 113 -26.36 13.56 -9.81
CA ASP D 113 -25.63 14.21 -8.70
C ASP D 113 -24.85 13.18 -7.88
N ILE D 114 -25.30 11.92 -7.92
CA ILE D 114 -24.58 10.84 -7.26
C ILE D 114 -24.33 9.75 -8.30
N CYS D 115 -23.08 9.29 -8.44
CA CYS D 115 -22.80 8.24 -9.43
C CYS D 115 -22.24 7.04 -8.67
N ILE D 116 -22.95 5.90 -8.67
CA ILE D 116 -22.44 4.72 -8.00
C ILE D 116 -21.96 3.75 -9.08
N ASN D 117 -20.63 3.67 -9.23
CA ASN D 117 -20.05 2.78 -10.21
C ASN D 117 -19.92 1.41 -9.61
N ASN D 118 -21.02 0.63 -9.74
CA ASN D 118 -21.12 -0.68 -9.09
C ASN D 118 -20.92 -1.86 -10.05
N ALA D 119 -21.36 -1.73 -11.30
CA ALA D 119 -21.27 -2.92 -12.19
C ALA D 119 -19.84 -3.43 -12.24
N GLY D 120 -19.67 -4.76 -12.21
CA GLY D 120 -18.32 -5.32 -12.29
C GLY D 120 -18.47 -6.81 -12.32
N LEU D 121 -17.39 -7.48 -12.73
CA LEU D 121 -17.40 -8.92 -12.89
C LEU D 121 -15.99 -9.49 -12.87
N ALA D 122 -15.89 -10.81 -12.62
CA ALA D 122 -14.63 -11.58 -12.82
C ALA D 122 -14.90 -12.67 -13.81
N ARG D 123 -13.96 -12.86 -14.75
CA ARG D 123 -13.98 -14.03 -15.63
C ARG D 123 -12.76 -14.87 -15.20
N PRO D 124 -12.89 -16.20 -15.27
CA PRO D 124 -11.87 -17.08 -14.69
C PRO D 124 -10.66 -17.30 -15.62
N ASP D 125 -10.06 -16.19 -16.02
CA ASP D 125 -8.96 -16.20 -16.99
C ASP D 125 -7.65 -15.90 -16.26
N THR D 126 -6.91 -16.97 -15.99
CA THR D 126 -5.70 -16.86 -15.20
C THR D 126 -4.62 -16.08 -15.94
N LEU D 127 -3.57 -15.68 -15.25
CA LEU D 127 -2.47 -15.02 -15.93
C LEU D 127 -1.65 -15.99 -16.78
N LEU D 128 -1.58 -17.28 -16.42
CA LEU D 128 -0.75 -18.22 -17.16
C LEU D 128 -1.44 -18.84 -18.35
N SER D 129 -2.77 -18.87 -18.33
CA SER D 129 -3.49 -19.53 -19.45
C SER D 129 -4.85 -18.88 -19.81
N GLY D 130 -5.09 -17.68 -19.34
CA GLY D 130 -6.38 -17.02 -19.54
C GLY D 130 -6.62 -16.53 -20.97
N SER D 131 -7.92 -16.39 -21.30
CA SER D 131 -8.30 -15.86 -22.58
C SER D 131 -8.23 -14.33 -22.52
N THR D 132 -7.69 -13.77 -23.59
CA THR D 132 -7.59 -12.33 -23.73
C THR D 132 -8.97 -11.70 -23.69
N SER D 133 -9.97 -12.38 -24.25
CA SER D 133 -11.34 -11.84 -24.25
C SER D 133 -11.86 -11.63 -22.83
N GLY D 134 -11.57 -12.54 -21.91
CA GLY D 134 -12.03 -12.38 -20.53
C GLY D 134 -11.32 -11.21 -19.85
N TRP D 135 -10.01 -11.08 -20.09
CA TRP D 135 -9.29 -9.94 -19.54
C TRP D 135 -9.92 -8.62 -20.04
N LYS D 136 -10.22 -8.60 -21.34
CA LYS D 136 -10.80 -7.39 -21.96
C LYS D 136 -12.16 -7.10 -21.37
N ASP D 137 -12.95 -8.17 -21.16
CA ASP D 137 -14.30 -7.99 -20.61
C ASP D 137 -14.19 -7.36 -19.20
N MET D 138 -13.28 -7.90 -18.37
CA MET D 138 -13.09 -7.33 -17.03
C MET D 138 -12.67 -5.88 -17.05
N PHE D 139 -11.68 -5.55 -17.88
CA PHE D 139 -11.28 -4.16 -18.04
C PHE D 139 -12.43 -3.29 -18.53
N ASN D 140 -13.15 -3.78 -19.55
CA ASN D 140 -14.20 -2.94 -20.18
C ASN D 140 -15.24 -2.46 -19.17
N VAL D 141 -15.67 -3.35 -18.28
CA VAL D 141 -16.68 -2.95 -17.30
C VAL D 141 -16.07 -2.39 -16.04
N ASN D 142 -15.07 -3.09 -15.50
CA ASN D 142 -14.60 -2.69 -14.16
C ASN D 142 -13.82 -1.42 -14.10
N VAL D 143 -13.17 -1.09 -15.23
CA VAL D 143 -12.24 0.06 -15.24
C VAL D 143 -12.71 1.10 -16.28
N LEU D 144 -12.90 0.70 -17.55
CA LEU D 144 -13.22 1.65 -18.60
C LEU D 144 -14.63 2.25 -18.41
N ALA D 145 -15.64 1.40 -18.22
CA ALA D 145 -17.06 1.89 -18.02
C ALA D 145 -17.09 2.76 -16.77
N LEU D 146 -16.42 2.31 -15.68
CA LEU D 146 -16.35 3.09 -14.42
C LEU D 146 -15.77 4.45 -14.72
N SER D 147 -14.75 4.49 -15.60
CA SER D 147 -14.11 5.78 -15.89
C SER D 147 -14.97 6.65 -16.81
N ILE D 148 -15.66 6.05 -17.77
CA ILE D 148 -16.54 6.82 -18.67
C ILE D 148 -17.70 7.42 -17.86
N CYS D 149 -18.33 6.58 -17.02
CA CYS D 149 -19.40 7.11 -16.14
C CYS D 149 -18.91 8.21 -15.24
N THR D 150 -17.71 8.06 -14.66
CA THR D 150 -17.17 9.08 -13.79
C THR D 150 -17.03 10.40 -14.56
N ARG D 151 -16.44 10.33 -15.76
CA ARG D 151 -16.22 11.54 -16.57
C ARG D 151 -17.54 12.18 -16.94
N GLU D 152 -18.51 11.36 -17.39
CA GLU D 152 -19.76 11.96 -17.88
C GLU D 152 -20.58 12.54 -16.70
N ALA D 153 -20.55 11.84 -15.58
CA ALA D 153 -21.24 12.37 -14.37
C ALA D 153 -20.63 13.70 -13.94
N TYR D 154 -19.29 13.74 -13.88
CA TYR D 154 -18.61 14.99 -13.53
C TYR D 154 -18.97 16.15 -14.53
N GLN D 155 -18.90 15.87 -15.84
CA GLN D 155 -19.21 16.89 -16.84
C GLN D 155 -20.64 17.41 -16.70
N SER D 156 -21.56 16.54 -16.35
CA SER D 156 -22.95 17.00 -16.10
C SER D 156 -23.08 17.87 -14.83
N MET D 157 -22.40 17.45 -13.76
CA MET D 157 -22.35 18.31 -12.55
C MET D 157 -21.79 19.66 -12.87
N LYS D 158 -20.70 19.67 -13.62
CA LYS D 158 -20.02 20.93 -13.91
C LYS D 158 -20.97 21.88 -14.62
N GLU D 159 -21.63 21.39 -15.68
CA GLU D 159 -22.47 22.32 -16.48
C GLU D 159 -23.72 22.76 -15.73
N ARG D 160 -24.09 22.00 -14.71
CA ARG D 160 -25.22 22.39 -13.86
C ARG D 160 -24.84 23.14 -12.61
N ASN D 161 -23.55 23.47 -12.47
CA ASN D 161 -23.07 24.22 -11.30
C ASN D 161 -23.31 23.44 -9.99
N VAL D 162 -23.20 22.12 -10.07
CA VAL D 162 -23.30 21.27 -8.89
C VAL D 162 -21.89 21.11 -8.29
N ASP D 163 -21.73 21.65 -7.07
CA ASP D 163 -20.43 21.69 -6.41
C ASP D 163 -20.24 20.62 -5.34
N ASP D 164 -21.27 19.82 -5.11
CA ASP D 164 -21.31 18.94 -3.91
C ASP D 164 -21.82 17.52 -4.23
N GLY D 165 -21.67 17.11 -5.48
CA GLY D 165 -22.09 15.74 -5.87
C GLY D 165 -21.14 14.71 -5.29
N HIS D 166 -21.42 13.45 -5.59
CA HIS D 166 -20.66 12.36 -4.99
C HIS D 166 -20.52 11.24 -5.95
N ILE D 167 -19.28 10.79 -6.13
CA ILE D 167 -19.02 9.64 -6.98
C ILE D 167 -18.49 8.52 -6.06
N ILE D 168 -19.16 7.36 -6.11
CA ILE D 168 -18.77 6.24 -5.24
C ILE D 168 -18.45 5.06 -6.14
N ASN D 169 -17.19 4.59 -6.08
CA ASN D 169 -16.79 3.36 -6.79
C ASN D 169 -16.85 2.17 -5.87
N ILE D 170 -17.44 1.09 -6.37
CA ILE D 170 -17.50 -0.16 -5.61
C ILE D 170 -16.20 -0.91 -5.98
N ASN D 171 -15.27 -0.89 -5.05
CA ASN D 171 -13.94 -1.50 -5.18
C ASN D 171 -14.04 -2.91 -4.59
N SER D 172 -13.00 -3.36 -3.91
CA SER D 172 -12.98 -4.72 -3.34
C SER D 172 -11.81 -4.80 -2.42
N MET D 173 -11.82 -5.68 -1.40
CA MET D 173 -10.56 -5.93 -0.72
C MET D 173 -9.51 -6.41 -1.71
N SER D 174 -9.97 -7.04 -2.82
CA SER D 174 -9.04 -7.46 -3.88
C SER D 174 -8.38 -6.27 -4.64
N GLY D 175 -8.82 -5.03 -4.36
CA GLY D 175 -8.13 -3.85 -4.84
C GLY D 175 -6.99 -3.36 -3.97
N HIS D 176 -6.74 -4.08 -2.87
CA HIS D 176 -5.72 -3.72 -1.88
C HIS D 176 -4.72 -4.83 -1.60
N ARG D 177 -5.09 -6.08 -1.88
CA ARG D 177 -4.16 -7.22 -1.70
C ARG D 177 -4.49 -8.27 -2.77
N VAL D 178 -3.47 -9.01 -3.21
CA VAL D 178 -3.71 -10.01 -4.25
C VAL D 178 -3.77 -11.40 -3.58
N LEU D 179 -4.99 -11.98 -3.59
CA LEU D 179 -5.19 -13.35 -3.05
C LEU D 179 -4.74 -14.44 -4.01
N PRO D 180 -4.18 -15.55 -3.48
CA PRO D 180 -3.66 -16.65 -4.30
C PRO D 180 -4.78 -17.51 -4.91
N LEU D 181 -5.74 -16.88 -5.58
CA LEU D 181 -6.74 -17.59 -6.39
C LEU D 181 -6.51 -17.18 -7.83
N SER D 182 -6.07 -18.14 -8.64
CA SER D 182 -5.60 -17.77 -9.98
C SER D 182 -6.66 -17.16 -10.86
N VAL D 183 -7.88 -17.70 -10.74
CA VAL D 183 -9.03 -17.21 -11.55
C VAL D 183 -9.53 -15.83 -11.20
N THR D 184 -9.05 -15.23 -10.11
CA THR D 184 -9.34 -13.82 -9.85
C THR D 184 -8.14 -12.87 -9.87
N HIS D 185 -6.98 -13.36 -10.32
CA HIS D 185 -5.81 -12.46 -10.38
C HIS D 185 -6.03 -11.24 -11.31
N PHE D 186 -6.53 -11.49 -12.51
CA PHE D 186 -6.73 -10.34 -13.39
C PHE D 186 -7.80 -9.39 -12.84
N TYR D 187 -8.90 -9.97 -12.35
CA TYR D 187 -9.90 -9.17 -11.65
C TYR D 187 -9.30 -8.28 -10.54
N SER D 188 -8.45 -8.89 -9.72
CA SER D 188 -7.76 -8.16 -8.64
CA SER D 188 -7.76 -8.16 -8.66
C SER D 188 -7.01 -6.97 -9.25
N ALA D 189 -6.32 -7.21 -10.37
CA ALA D 189 -5.59 -6.11 -11.02
C ALA D 189 -6.52 -4.99 -11.49
N THR D 190 -7.72 -5.33 -11.98
CA THR D 190 -8.67 -4.27 -12.30
C THR D 190 -9.09 -3.49 -11.07
N LYS D 191 -9.23 -4.16 -9.92
CA LYS D 191 -9.60 -3.44 -8.70
C LYS D 191 -8.44 -2.61 -8.16
N TYR D 192 -7.20 -3.06 -8.36
CA TYR D 192 -6.06 -2.17 -8.03
C TYR D 192 -6.15 -0.87 -8.86
N ALA D 193 -6.51 -1.02 -10.14
CA ALA D 193 -6.75 0.18 -10.97
C ALA D 193 -7.83 1.07 -10.40
N VAL D 194 -8.90 0.46 -9.91
CA VAL D 194 -9.99 1.28 -9.24
C VAL D 194 -9.49 2.03 -8.00
N THR D 195 -8.64 1.38 -7.19
CA THR D 195 -8.01 2.08 -6.04
C THR D 195 -7.29 3.32 -6.54
N ALA D 196 -6.52 3.16 -7.60
CA ALA D 196 -5.71 4.32 -8.05
C ALA D 196 -6.61 5.36 -8.68
N LEU D 197 -7.62 4.95 -9.45
CA LEU D 197 -8.53 5.91 -10.13
C LEU D 197 -9.29 6.72 -9.10
N THR D 198 -9.69 6.11 -7.98
CA THR D 198 -10.52 6.85 -7.04
C THR D 198 -9.69 7.95 -6.35
N GLU D 199 -8.43 7.64 -6.05
CA GLU D 199 -7.54 8.63 -5.48
C GLU D 199 -7.22 9.73 -6.52
N GLY D 200 -6.98 9.32 -7.77
CA GLY D 200 -6.70 10.33 -8.81
C GLY D 200 -7.89 11.24 -9.00
N LEU D 201 -9.10 10.66 -8.91
CA LEU D 201 -10.36 11.42 -9.04
C LEU D 201 -10.45 12.48 -7.94
N ARG D 202 -10.22 12.05 -6.69
CA ARG D 202 -10.20 13.00 -5.57
C ARG D 202 -9.25 14.16 -5.89
N GLN D 203 -8.05 13.82 -6.34
CA GLN D 203 -7.08 14.83 -6.72
C GLN D 203 -7.56 15.81 -7.81
N GLU D 204 -8.18 15.29 -8.89
CA GLU D 204 -8.64 16.19 -9.93
C GLU D 204 -9.79 17.08 -9.48
N LEU D 205 -10.63 16.54 -8.60
CA LEU D 205 -11.77 17.35 -8.10
C LEU D 205 -11.34 18.46 -7.19
N ARG D 206 -10.27 18.23 -6.43
CA ARG D 206 -9.61 19.30 -5.71
C ARG D 206 -8.98 20.32 -6.65
N GLU D 207 -8.28 19.85 -7.69
CA GLU D 207 -7.61 20.77 -8.63
C GLU D 207 -8.64 21.65 -9.34
N ALA D 208 -9.80 21.06 -9.64
CA ALA D 208 -10.91 21.80 -10.25
C ALA D 208 -11.61 22.72 -9.26
N GLN D 209 -11.17 22.75 -8.00
CA GLN D 209 -11.70 23.71 -7.00
C GLN D 209 -13.19 23.45 -6.74
N THR D 210 -13.54 22.18 -6.62
CA THR D 210 -14.91 21.75 -6.32
C THR D 210 -14.97 21.08 -4.96
N HIS D 211 -16.21 20.90 -4.47
CA HIS D 211 -16.47 20.09 -3.27
C HIS D 211 -17.17 18.79 -3.63
N ILE D 212 -16.99 18.36 -4.89
CA ILE D 212 -17.53 17.06 -5.28
C ILE D 212 -16.67 15.97 -4.62
N ARG D 213 -17.36 14.97 -4.06
CA ARG D 213 -16.69 13.95 -3.25
C ARG D 213 -16.45 12.66 -4.04
N ALA D 214 -15.32 12.01 -3.71
CA ALA D 214 -15.01 10.70 -4.33
C ALA D 214 -14.69 9.66 -3.25
N THR D 215 -15.31 8.49 -3.38
CA THR D 215 -15.17 7.47 -2.35
C THR D 215 -15.13 6.12 -3.00
N CYS D 216 -14.37 5.19 -2.42
CA CYS D 216 -14.45 3.74 -2.70
CA CYS D 216 -14.65 3.81 -2.77
C CYS D 216 -15.08 3.02 -1.52
N ILE D 217 -15.83 1.96 -1.81
CA ILE D 217 -16.18 0.98 -0.79
C ILE D 217 -15.51 -0.31 -1.21
N SER D 218 -14.82 -0.94 -0.25
CA SER D 218 -13.97 -2.10 -0.54
C SER D 218 -14.39 -3.32 0.29
N PRO D 219 -15.43 -4.05 -0.17
CA PRO D 219 -15.89 -5.25 0.54
C PRO D 219 -15.06 -6.50 0.28
N GLY D 220 -15.08 -7.37 1.28
CA GLY D 220 -14.66 -8.76 1.12
C GLY D 220 -15.83 -9.49 0.48
N VAL D 221 -15.93 -10.79 0.72
CA VAL D 221 -16.92 -11.60 -0.03
C VAL D 221 -18.34 -11.19 0.35
N VAL D 222 -19.15 -10.99 -0.68
CA VAL D 222 -20.56 -10.64 -0.53
C VAL D 222 -21.38 -11.67 -1.29
N GLU D 223 -22.45 -12.18 -0.66
CA GLU D 223 -23.27 -13.21 -1.29
C GLU D 223 -24.22 -12.61 -2.33
N THR D 224 -23.80 -12.66 -3.61
CA THR D 224 -24.58 -12.12 -4.74
C THR D 224 -24.54 -13.17 -5.88
N GLN D 225 -24.65 -12.72 -7.13
CA GLN D 225 -24.49 -13.67 -8.23
C GLN D 225 -23.04 -13.66 -8.72
N PHE D 226 -22.17 -12.89 -8.06
CA PHE D 226 -20.86 -12.67 -8.61
C PHE D 226 -20.10 -14.00 -8.84
N ALA D 227 -20.09 -14.86 -7.83
CA ALA D 227 -19.35 -16.12 -7.91
C ALA D 227 -20.03 -17.08 -8.91
N PHE D 228 -21.36 -16.96 -9.08
CA PHE D 228 -22.05 -17.76 -10.06
C PHE D 228 -21.69 -17.43 -11.49
N LYS D 229 -21.41 -16.15 -11.74
CA LYS D 229 -20.96 -15.71 -13.05
C LYS D 229 -19.51 -16.08 -13.31
N LEU D 230 -18.66 -15.84 -12.32
CA LEU D 230 -17.25 -16.27 -12.40
C LEU D 230 -17.13 -17.76 -12.74
N HIS D 231 -17.86 -18.59 -11.99
CA HIS D 231 -17.80 -20.04 -12.14
C HIS D 231 -19.01 -20.53 -12.96
N ASP D 232 -19.24 -19.91 -14.13
CA ASP D 232 -20.47 -20.17 -14.92
C ASP D 232 -20.50 -21.58 -15.48
N LYS D 233 -19.35 -22.25 -15.40
CA LYS D 233 -19.20 -23.63 -15.87
C LYS D 233 -19.10 -24.63 -14.70
N ASP D 234 -19.20 -24.12 -13.47
CA ASP D 234 -19.07 -24.93 -12.26
C ASP D 234 -19.89 -24.35 -11.11
N PRO D 235 -21.24 -24.34 -11.24
CA PRO D 235 -22.21 -23.84 -10.24
C PRO D 235 -21.91 -24.27 -8.79
N GLU D 236 -21.38 -25.47 -8.63
CA GLU D 236 -21.04 -26.03 -7.33
C GLU D 236 -19.89 -25.30 -6.67
N LYS D 237 -18.89 -24.90 -7.46
CA LYS D 237 -17.78 -24.15 -6.90
C LYS D 237 -18.29 -22.79 -6.39
N ALA D 238 -19.34 -22.26 -7.05
CA ALA D 238 -19.93 -20.97 -6.65
C ALA D 238 -20.70 -21.04 -5.33
N ALA D 239 -21.60 -22.02 -5.22
CA ALA D 239 -22.24 -22.31 -3.93
C ALA D 239 -21.27 -22.43 -2.74
N ALA D 240 -20.10 -23.06 -2.95
CA ALA D 240 -19.16 -23.29 -1.85
C ALA D 240 -18.44 -22.04 -1.40
N THR D 241 -18.23 -21.07 -2.30
CA THR D 241 -17.71 -19.76 -1.91
C THR D 241 -18.63 -19.21 -0.80
N TYR D 242 -19.92 -19.57 -0.88
CA TYR D 242 -20.98 -18.87 -0.14
C TYR D 242 -21.57 -19.68 1.02
N GLU D 243 -21.88 -20.96 0.77
CA GLU D 243 -22.40 -21.85 1.84
C GLU D 243 -21.32 -22.12 2.88
N GLN D 244 -20.07 -22.22 2.43
CA GLN D 244 -18.99 -22.62 3.33
C GLN D 244 -18.45 -21.46 4.16
N MET D 245 -18.53 -20.25 3.62
CA MET D 245 -17.96 -19.09 4.30
C MET D 245 -19.08 -18.18 4.83
N LYS D 246 -18.84 -17.54 5.97
CA LYS D 246 -19.69 -16.39 6.37
C LYS D 246 -19.46 -15.27 5.38
N CYS D 247 -20.54 -14.68 4.86
CA CYS D 247 -20.38 -13.62 3.88
C CYS D 247 -21.11 -12.35 4.29
N LEU D 248 -20.72 -11.28 3.62
CA LEU D 248 -21.51 -10.04 3.69
C LEU D 248 -22.75 -10.22 2.85
N LYS D 249 -23.73 -9.34 3.08
CA LYS D 249 -24.94 -9.30 2.26
C LYS D 249 -24.91 -8.00 1.47
N PRO D 250 -25.55 -8.00 0.29
CA PRO D 250 -25.56 -6.76 -0.50
C PRO D 250 -26.12 -5.56 0.29
N GLU D 251 -27.09 -5.81 1.18
CA GLU D 251 -27.64 -4.75 2.06
C GLU D 251 -26.58 -4.12 2.93
N ASP D 252 -25.52 -4.88 3.28
CA ASP D 252 -24.46 -4.33 4.16
C ASP D 252 -23.65 -3.31 3.41
N VAL D 253 -23.41 -3.59 2.12
CA VAL D 253 -22.69 -2.61 1.29
C VAL D 253 -23.57 -1.39 1.06
N ALA D 254 -24.87 -1.61 0.87
CA ALA D 254 -25.81 -0.51 0.63
C ALA D 254 -25.77 0.41 1.87
N GLU D 255 -25.71 -0.19 3.06
CA GLU D 255 -25.69 0.63 4.30
C GLU D 255 -24.40 1.47 4.36
N ALA D 256 -23.30 0.91 3.88
CA ALA D 256 -22.06 1.69 3.80
C ALA D 256 -22.21 2.86 2.84
N VAL D 257 -22.83 2.64 1.69
CA VAL D 257 -23.13 3.77 0.77
C VAL D 257 -24.02 4.82 1.46
N ILE D 258 -25.05 4.39 2.20
CA ILE D 258 -25.90 5.36 2.89
C ILE D 258 -25.08 6.17 3.90
N TYR D 259 -24.22 5.49 4.67
CA TYR D 259 -23.39 6.21 5.65
C TYR D 259 -22.54 7.26 4.90
N VAL D 260 -21.87 6.88 3.82
CA VAL D 260 -21.02 7.80 3.08
C VAL D 260 -21.83 9.00 2.58
N LEU D 261 -23.01 8.76 2.01
CA LEU D 261 -23.78 9.87 1.47
C LEU D 261 -24.32 10.77 2.56
N SER D 262 -24.64 10.19 3.71
CA SER D 262 -25.25 10.96 4.78
C SER D 262 -24.25 11.86 5.50
N THR D 263 -22.95 11.60 5.34
CA THR D 263 -21.93 12.46 6.02
C THR D 263 -22.10 13.89 5.53
N PRO D 264 -22.03 14.86 6.43
CA PRO D 264 -22.07 16.26 5.96
C PRO D 264 -21.00 16.60 4.90
N ALA D 265 -21.27 17.69 4.18
CA ALA D 265 -20.59 17.96 2.94
C ALA D 265 -19.07 18.18 3.04
N HIS D 266 -18.59 18.61 4.22
CA HIS D 266 -17.14 18.87 4.46
C HIS D 266 -16.32 17.59 4.78
N ILE D 267 -17.01 16.47 4.86
CA ILE D 267 -16.34 15.19 5.13
C ILE D 267 -16.27 14.40 3.84
N GLN D 268 -15.09 13.90 3.54
CA GLN D 268 -14.92 13.10 2.34
C GLN D 268 -14.36 11.73 2.75
N ILE D 269 -15.25 10.75 2.83
CA ILE D 269 -14.84 9.35 3.11
C ILE D 269 -14.05 8.90 1.85
N GLY D 270 -12.80 8.47 2.05
CA GLY D 270 -11.96 8.01 0.95
C GLY D 270 -12.20 6.53 0.65
N ASP D 271 -12.28 5.73 1.73
CA ASP D 271 -12.45 4.29 1.53
C ASP D 271 -13.07 3.71 2.78
N ILE D 272 -13.94 2.73 2.58
CA ILE D 272 -14.42 1.88 3.70
C ILE D 272 -14.11 0.45 3.33
N GLN D 273 -13.19 -0.14 4.09
CA GLN D 273 -12.78 -1.54 3.92
C GLN D 273 -13.60 -2.35 4.90
N MET D 274 -14.29 -3.37 4.37
CA MET D 274 -15.20 -4.17 5.18
CA MET D 274 -15.18 -4.19 5.20
C MET D 274 -15.15 -5.65 4.81
N ARG D 275 -15.22 -6.50 5.81
CA ARG D 275 -15.14 -7.94 5.58
C ARG D 275 -16.13 -8.63 6.49
N PRO D 276 -16.51 -9.86 6.14
CA PRO D 276 -17.31 -10.60 7.14
C PRO D 276 -16.53 -10.82 8.43
N THR D 277 -17.20 -10.76 9.58
CA THR D 277 -16.50 -10.94 10.85
C THR D 277 -15.92 -12.34 10.94
N GLY D 278 -14.69 -12.43 11.43
CA GLY D 278 -14.04 -13.72 11.62
C GLY D 278 -13.53 -14.39 10.36
N SER D 279 -13.63 -13.70 9.23
CA SER D 279 -13.15 -14.23 7.96
C SER D 279 -11.63 -14.04 7.82
#